data_7Y9J
#
_entry.id   7Y9J
#
_cell.length_a   58.767
_cell.length_b   146.730
_cell.length_c   63.587
_cell.angle_alpha   90.000
_cell.angle_beta   97.710
_cell.angle_gamma   90.000
#
_symmetry.space_group_name_H-M   'P 1 21 1'
#
loop_
_entity.id
_entity.type
_entity.pdbx_description
1 polymer 'Bifunctional cytochrome P450/NADPH--P450 reductase'
2 non-polymer 'PROTOPORPHYRIN IX CONTAINING FE'
3 non-polymer 5-nitro-1,2-benzoxazole
4 water water
#
_entity_poly.entity_id   1
_entity_poly.type   'polypeptide(L)'
_entity_poly.pdbx_seq_one_letter_code
;GAIKKMPQPKTFGELKNLPLLNTDKPVQALMKIADELGEIFKFEAPGRVTRYLSSQRLIKEACDESRFDKNLSQAYKFVR
DFAGDGLGTSWTHEKNWKKAHNILLPSFSQQAMKGYHAMMVDIAVQLVQKWERLNADEHIEVPEDMTRLTLDTIGLCGFN
YRFNSFYRDQPHPFITSMVRALDEAMNKLQRANPDDPAYDENKRQFQEDIKVMNDLVDKIIADRKASGEQSDDLLTHMLN
GKDPETGEPLDDENIRYQIITFLIAGHETTSGLLSFALYFLVKNPHVLQKAAEEAARVLVDPVPSYKQVKQLKYVGMVLN
EALRLWPTAPAFSLYAKEDTVLGGEYPLEKGDELMVLIPQLHRDKTIWGDDVEEFRPERFENPSAIPQHAFKPFGNGQRA
CIGQQFALHEATLVLGMMLKHFDFEDHTNYELDIKETLKLKPEGFVVKAKSKKIPLGGIPSPSTE
;
_entity_poly.pdbx_strand_id   A,B
#
loop_
_chem_comp.id
_chem_comp.type
_chem_comp.name
_chem_comp.formula
H5J non-polymer 5-nitro-1,2-benzoxazole 'C7 H4 N2 O3'
HEM non-polymer 'PROTOPORPHYRIN IX CONTAINING FE' 'C34 H32 Fe N4 O4'
#
# COMPACT_ATOMS: atom_id res chain seq x y z
N LYS A 4 -18.59 22.21 21.19
CA LYS A 4 -19.15 21.39 22.26
C LYS A 4 -18.14 21.17 23.37
N LYS A 5 -18.59 21.25 24.62
CA LYS A 5 -17.70 21.15 25.76
C LYS A 5 -17.35 19.68 26.02
N MET A 6 -16.07 19.41 26.21
CA MET A 6 -15.56 18.05 26.31
C MET A 6 -15.72 17.53 27.75
N PRO A 7 -16.23 16.33 27.94
CA PRO A 7 -16.27 15.75 29.28
C PRO A 7 -14.86 15.55 29.84
N GLN A 8 -14.79 15.41 31.16
CA GLN A 8 -13.51 15.26 31.84
C GLN A 8 -13.74 14.47 33.13
N PRO A 9 -12.91 13.48 33.44
CA PRO A 9 -13.11 12.71 34.68
C PRO A 9 -12.73 13.50 35.93
N LYS A 10 -12.84 12.87 37.09
CA LYS A 10 -12.73 13.56 38.36
C LYS A 10 -11.31 14.10 38.58
N THR A 11 -11.23 15.25 39.24
CA THR A 11 -9.98 15.98 39.43
C THR A 11 -9.54 15.93 40.88
N PHE A 12 -8.24 16.19 41.07
CA PHE A 12 -7.63 16.18 42.40
C PHE A 12 -6.95 17.51 42.68
N GLY A 13 -7.73 18.59 42.70
CA GLY A 13 -7.16 19.91 42.98
C GLY A 13 -6.11 20.27 41.95
N GLU A 14 -4.94 20.68 42.43
CA GLU A 14 -3.86 21.11 41.55
C GLU A 14 -3.21 19.96 40.79
N LEU A 15 -3.52 18.71 41.13
CA LEU A 15 -3.02 17.57 40.36
C LEU A 15 -3.91 17.24 39.17
N LYS A 16 -5.05 17.92 39.02
CA LYS A 16 -5.97 17.73 37.89
C LYS A 16 -6.34 16.26 37.82
N ASN A 17 -6.13 15.56 36.71
CA ASN A 17 -6.51 14.16 36.57
C ASN A 17 -5.35 13.19 36.83
N LEU A 18 -4.14 13.69 37.05
CA LEU A 18 -2.97 12.81 37.10
C LEU A 18 -3.09 11.65 38.10
N PRO A 19 -3.65 11.81 39.31
CA PRO A 19 -3.74 10.66 40.22
C PRO A 19 -4.59 9.51 39.68
N LEU A 20 -5.40 9.73 38.64
CA LEU A 20 -6.19 8.65 38.08
C LEU A 20 -5.32 7.55 37.48
N LEU A 21 -4.12 7.89 37.01
CA LEU A 21 -3.23 6.89 36.45
C LEU A 21 -2.20 6.37 37.44
N ASN A 22 -2.24 6.85 38.69
CA ASN A 22 -1.43 6.25 39.76
C ASN A 22 -2.17 4.99 40.24
N THR A 23 -2.09 3.95 39.41
CA THR A 23 -2.81 2.71 39.68
C THR A 23 -2.14 1.59 38.88
N ASP A 24 -2.43 0.35 39.31
CA ASP A 24 -1.85 -0.83 38.67
C ASP A 24 -2.31 -1.00 37.24
N LYS A 25 -3.55 -0.59 36.93
CA LYS A 25 -4.20 -0.90 35.67
C LYS A 25 -4.71 0.38 35.02
N PRO A 26 -3.80 1.24 34.56
CA PRO A 26 -4.23 2.56 34.03
C PRO A 26 -5.08 2.47 32.77
N VAL A 27 -4.74 1.58 31.83
CA VAL A 27 -5.53 1.46 30.61
C VAL A 27 -6.94 0.99 30.94
N GLN A 28 -7.06 0.02 31.85
CA GLN A 28 -8.39 -0.47 32.24
C GLN A 28 -9.17 0.60 32.98
N ALA A 29 -8.49 1.42 33.80
CA ALA A 29 -9.13 2.59 34.37
C ALA A 29 -9.59 3.56 33.29
N LEU A 30 -8.74 3.79 32.27
CA LEU A 30 -9.13 4.69 31.19
C LEU A 30 -10.30 4.15 30.40
N MET A 31 -10.39 2.82 30.24
CA MET A 31 -11.54 2.23 29.57
C MET A 31 -12.82 2.46 30.35
N LYS A 32 -12.76 2.32 31.68
CA LYS A 32 -13.96 2.53 32.49
C LYS A 32 -14.38 4.00 32.44
N ILE A 33 -13.41 4.92 32.39
CA ILE A 33 -13.76 6.34 32.23
C ILE A 33 -14.44 6.58 30.89
N ALA A 34 -13.91 5.95 29.82
CA ALA A 34 -14.53 6.11 28.50
C ALA A 34 -15.96 5.56 28.51
N ASP A 35 -16.19 4.49 29.25
CA ASP A 35 -17.54 3.94 29.37
C ASP A 35 -18.51 4.99 29.93
N GLU A 36 -18.09 5.74 30.94
CA GLU A 36 -19.01 6.70 31.54
C GLU A 36 -19.04 8.05 30.83
N LEU A 37 -17.96 8.46 30.18
CA LEU A 37 -17.94 9.78 29.55
C LEU A 37 -18.17 9.75 28.05
N GLY A 38 -17.94 8.64 27.38
CA GLY A 38 -18.23 8.56 25.96
C GLY A 38 -17.02 8.60 25.04
N GLU A 39 -17.23 9.06 23.80
CA GLU A 39 -16.27 8.91 22.72
C GLU A 39 -15.04 9.80 22.86
N ILE A 40 -15.08 10.82 23.72
CA ILE A 40 -13.97 11.74 23.85
C ILE A 40 -13.99 12.33 25.25
N PHE A 41 -12.83 12.38 25.90
CA PHE A 41 -12.74 13.10 27.17
C PHE A 41 -11.37 13.74 27.32
N LYS A 42 -11.37 14.88 27.98
CA LYS A 42 -10.14 15.65 28.23
C LYS A 42 -9.44 15.04 29.45
N PHE A 43 -8.12 14.92 29.39
CA PHE A 43 -7.33 14.40 30.53
C PHE A 43 -6.23 15.41 30.81
N GLU A 44 -6.30 16.08 31.95
CA GLU A 44 -5.29 17.11 32.29
C GLU A 44 -4.38 16.61 33.39
N ALA A 45 -3.15 17.11 33.36
CA ALA A 45 -2.09 16.89 34.36
C ALA A 45 -1.33 18.20 34.54
N PRO A 46 -0.51 18.36 35.60
CA PRO A 46 0.26 19.58 35.77
C PRO A 46 1.09 19.82 34.50
N GLY A 47 0.73 20.88 33.77
CA GLY A 47 1.41 21.30 32.53
C GLY A 47 1.17 20.38 31.34
N ARG A 48 0.17 19.48 31.40
CA ARG A 48 -0.07 18.54 30.28
C ARG A 48 -1.56 18.43 29.98
N VAL A 49 -1.92 18.32 28.70
CA VAL A 49 -3.35 18.13 28.31
C VAL A 49 -3.39 17.13 27.16
N THR A 50 -4.30 16.16 27.23
CA THR A 50 -4.50 15.19 26.13
C THR A 50 -6.00 14.87 26.05
N ARG A 51 -6.43 14.37 24.90
CA ARG A 51 -7.85 14.01 24.68
C ARG A 51 -7.91 12.53 24.29
N TYR A 52 -8.69 11.73 25.01
CA TYR A 52 -8.79 10.31 24.73
C TYR A 52 -9.97 10.03 23.81
N LEU A 53 -9.71 9.32 22.71
CA LEU A 53 -10.71 9.00 21.70
C LEU A 53 -11.07 7.52 21.79
N SER A 54 -12.37 7.23 21.70
CA SER A 54 -12.86 5.87 21.80
C SER A 54 -13.81 5.45 20.68
N SER A 55 -14.27 6.35 19.82
CA SER A 55 -15.25 6.02 18.80
C SER A 55 -14.58 5.93 17.44
N GLN A 56 -15.07 5.02 16.59
CA GLN A 56 -14.60 4.97 15.22
C GLN A 56 -14.88 6.28 14.50
N ARG A 57 -15.97 6.96 14.84
CA ARG A 57 -16.31 8.20 14.14
C ARG A 57 -15.25 9.27 14.33
N LEU A 58 -14.63 9.34 15.51
CA LEU A 58 -13.56 10.31 15.74
C LEU A 58 -12.19 9.76 15.41
N ILE A 59 -11.97 8.47 15.61
CA ILE A 59 -10.64 7.90 15.40
C ILE A 59 -10.33 7.83 13.90
N LYS A 60 -11.36 7.75 13.06
CA LYS A 60 -11.10 7.76 11.62
C LYS A 60 -10.51 9.11 11.19
N GLU A 61 -10.92 10.20 11.83
CA GLU A 61 -10.30 11.49 11.54
C GLU A 61 -8.89 11.58 12.13
N ALA A 62 -8.71 11.08 13.36
CA ALA A 62 -7.39 11.12 13.98
C ALA A 62 -6.36 10.36 13.16
N CYS A 63 -6.81 9.33 12.42
CA CYS A 63 -5.93 8.54 11.56
C CYS A 63 -5.65 9.19 10.22
N ASP A 64 -6.19 10.38 9.98
CA ASP A 64 -5.92 11.16 8.78
C ASP A 64 -4.51 11.73 8.87
N GLU A 65 -3.57 11.13 8.13
CA GLU A 65 -2.17 11.49 8.25
C GLU A 65 -1.86 12.90 7.77
N SER A 66 -2.75 13.50 6.98
CA SER A 66 -2.57 14.90 6.61
C SER A 66 -2.90 15.84 7.75
N ARG A 67 -3.60 15.36 8.77
CA ARG A 67 -4.02 16.19 9.90
C ARG A 67 -3.32 15.84 11.20
N PHE A 68 -2.87 14.60 11.39
CA PHE A 68 -2.28 14.18 12.64
C PHE A 68 -1.09 13.26 12.37
N ASP A 69 -0.06 13.41 13.18
CA ASP A 69 1.17 12.62 13.10
C ASP A 69 1.38 11.92 14.44
N LYS A 70 2.23 10.89 14.43
CA LYS A 70 2.54 10.19 15.67
C LYS A 70 3.20 11.11 16.69
N ASN A 71 2.67 11.10 17.90
CA ASN A 71 3.30 11.77 19.03
C ASN A 71 4.04 10.76 19.89
N LEU A 72 5.16 11.17 20.45
CA LEU A 72 5.88 10.37 21.44
C LEU A 72 5.31 10.71 22.81
N SER A 73 4.62 9.74 23.41
CA SER A 73 4.05 9.92 24.75
C SER A 73 5.15 10.11 25.78
N GLN A 74 4.75 10.42 27.02
CA GLN A 74 5.73 10.61 28.08
C GLN A 74 6.49 9.32 28.37
N ALA A 75 5.81 8.17 28.31
CA ALA A 75 6.49 6.91 28.56
C ALA A 75 7.52 6.61 27.48
N TYR A 76 7.18 6.82 26.21
CA TYR A 76 8.11 6.45 25.17
C TYR A 76 9.27 7.43 25.06
N LYS A 77 9.14 8.63 25.63
CA LYS A 77 10.29 9.50 25.79
C LYS A 77 11.31 8.91 26.77
N PHE A 78 10.81 8.23 27.81
CA PHE A 78 11.73 7.57 28.75
C PHE A 78 12.33 6.32 28.11
N VAL A 79 11.53 5.55 27.38
CA VAL A 79 12.04 4.41 26.64
C VAL A 79 13.16 4.85 25.69
N ARG A 80 13.04 6.07 25.14
CA ARG A 80 14.02 6.56 24.19
C ARG A 80 15.43 6.60 24.77
N ASP A 81 15.57 6.59 26.11
CA ASP A 81 16.90 6.60 26.71
C ASP A 81 17.71 5.34 26.40
N PHE A 82 17.05 4.22 26.09
CA PHE A 82 17.77 3.04 25.62
C PHE A 82 17.33 2.54 24.26
N ALA A 83 16.11 2.88 23.81
CA ALA A 83 15.71 2.57 22.45
C ALA A 83 16.20 3.60 21.43
N GLY A 84 16.61 4.79 21.89
CA GLY A 84 17.24 5.75 21.01
C GLY A 84 16.32 6.17 19.89
N ASP A 85 16.90 6.46 18.72
CA ASP A 85 16.12 6.82 17.55
C ASP A 85 15.87 5.62 16.64
N GLY A 86 15.61 4.46 17.23
CA GLY A 86 15.01 3.37 16.51
C GLY A 86 13.62 3.75 16.03
N LEU A 87 13.01 2.83 15.28
CA LEU A 87 11.77 3.16 14.57
C LEU A 87 10.67 3.60 15.52
N GLY A 88 10.54 2.93 16.67
CA GLY A 88 9.39 3.16 17.54
C GLY A 88 9.45 4.44 18.34
N THR A 89 10.65 4.90 18.70
CA THR A 89 10.82 6.08 19.55
C THR A 89 11.40 7.28 18.80
N SER A 90 11.35 7.27 17.48
CA SER A 90 11.77 8.42 16.70
C SER A 90 10.55 9.17 16.16
N TRP A 91 10.72 10.48 15.98
CA TRP A 91 9.67 11.29 15.37
C TRP A 91 9.68 11.08 13.87
N THR A 92 8.51 11.26 13.25
CA THR A 92 8.35 11.02 11.82
C THR A 92 9.29 11.90 11.00
N HIS A 93 9.55 13.12 11.48
CA HIS A 93 10.41 14.07 10.77
C HIS A 93 11.89 13.87 11.04
N GLU A 94 12.26 12.92 11.89
CA GLU A 94 13.68 12.65 12.14
C GLU A 94 14.26 11.88 10.96
N LYS A 95 15.43 12.33 10.49
CA LYS A 95 16.05 11.72 9.31
C LYS A 95 16.15 10.21 9.46
N ASN A 96 16.52 9.73 10.65
CA ASN A 96 16.73 8.30 10.83
C ASN A 96 15.42 7.51 10.87
N TRP A 97 14.26 8.16 11.06
CA TRP A 97 13.03 7.39 10.97
C TRP A 97 12.76 6.98 9.53
N LYS A 98 12.78 7.94 8.61
CA LYS A 98 12.43 7.61 7.24
C LYS A 98 13.47 6.69 6.61
N LYS A 99 14.75 6.91 6.94
CA LYS A 99 15.80 6.01 6.46
C LYS A 99 15.54 4.58 6.90
N ALA A 100 15.35 4.36 8.20
CA ALA A 100 15.14 3.01 8.71
C ALA A 100 13.85 2.42 8.16
N HIS A 101 12.79 3.23 8.09
CA HIS A 101 11.51 2.78 7.53
C HIS A 101 11.68 2.24 6.11
N ASN A 102 12.37 3.00 5.25
CA ASN A 102 12.56 2.55 3.87
C ASN A 102 13.48 1.32 3.79
N ILE A 103 14.51 1.28 4.62
CA ILE A 103 15.45 0.16 4.57
C ILE A 103 14.81 -1.09 5.15
N LEU A 104 14.00 -0.94 6.20
CA LEU A 104 13.52 -2.12 6.93
C LEU A 104 12.21 -2.69 6.40
N LEU A 105 11.36 -1.89 5.75
CA LEU A 105 10.07 -2.39 5.27
C LEU A 105 10.19 -3.64 4.41
N PRO A 106 11.13 -3.74 3.46
CA PRO A 106 11.23 -5.00 2.71
C PRO A 106 11.58 -6.22 3.56
N SER A 107 12.31 -6.03 4.65
CA SER A 107 12.62 -7.16 5.51
C SER A 107 11.42 -7.64 6.33
N PHE A 108 10.30 -6.92 6.30
CA PHE A 108 9.15 -7.23 7.13
C PHE A 108 7.91 -7.56 6.32
N SER A 109 8.03 -7.66 5.00
CA SER A 109 6.91 -7.94 4.14
C SER A 109 6.29 -9.28 4.49
N GLN A 110 5.02 -9.44 4.12
CA GLN A 110 4.42 -10.77 4.11
C GLN A 110 5.31 -11.74 3.37
N GLN A 111 5.86 -11.31 2.23
CA GLN A 111 6.70 -12.22 1.45
C GLN A 111 8.04 -12.48 2.12
N ALA A 112 8.58 -11.49 2.87
CA ALA A 112 9.85 -11.73 3.55
C ALA A 112 9.72 -12.74 4.68
N MET A 113 8.49 -13.04 5.12
CA MET A 113 8.30 -14.06 6.15
C MET A 113 8.78 -15.42 5.69
N LYS A 114 8.84 -15.66 4.38
CA LYS A 114 9.34 -16.94 3.88
C LYS A 114 10.74 -17.23 4.42
N GLY A 115 11.59 -16.21 4.50
CA GLY A 115 12.94 -16.38 4.98
C GLY A 115 13.07 -16.57 6.48
N TYR A 116 12.11 -16.09 7.25
CA TYR A 116 12.13 -16.29 8.70
C TYR A 116 11.44 -17.58 9.13
N HIS A 117 10.66 -18.20 8.25
CA HIS A 117 9.79 -19.30 8.64
C HIS A 117 10.54 -20.43 9.33
N ALA A 118 11.71 -20.79 8.79
CA ALA A 118 12.43 -21.95 9.31
C ALA A 118 12.90 -21.72 10.74
N MET A 119 13.33 -20.50 11.05
CA MET A 119 13.77 -20.21 12.41
C MET A 119 12.60 -20.01 13.36
N MET A 120 11.45 -19.53 12.86
CA MET A 120 10.24 -19.55 13.68
C MET A 120 9.85 -20.97 14.03
N VAL A 121 9.93 -21.88 13.06
CA VAL A 121 9.62 -23.28 13.32
C VAL A 121 10.59 -23.87 14.34
N ASP A 122 11.85 -23.44 14.28
CA ASP A 122 12.85 -23.92 15.23
C ASP A 122 12.40 -23.69 16.67
N ILE A 123 11.96 -22.46 16.98
CA ILE A 123 11.58 -22.14 18.35
C ILE A 123 10.22 -22.74 18.70
N ALA A 124 9.31 -22.79 17.72
CA ALA A 124 7.99 -23.39 17.97
C ALA A 124 8.12 -24.87 18.29
N VAL A 125 9.08 -25.55 17.66
CA VAL A 125 9.32 -26.96 17.96
C VAL A 125 9.83 -27.12 19.38
N GLN A 126 10.69 -26.20 19.83
CA GLN A 126 11.16 -26.25 21.22
C GLN A 126 9.99 -26.10 22.20
N LEU A 127 9.07 -25.18 21.91
CA LEU A 127 7.87 -25.03 22.74
C LEU A 127 7.08 -26.33 22.79
N VAL A 128 6.74 -26.88 21.62
CA VAL A 128 5.95 -28.11 21.59
C VAL A 128 6.66 -29.23 22.35
N GLN A 129 7.97 -29.36 22.14
CA GLN A 129 8.71 -30.42 22.80
C GLN A 129 8.72 -30.24 24.32
N LYS A 130 8.85 -29.00 24.78
CA LYS A 130 8.76 -28.75 26.22
C LYS A 130 7.46 -29.28 26.79
N TRP A 131 6.34 -28.96 26.12
CA TRP A 131 5.04 -29.40 26.62
C TRP A 131 4.86 -30.91 26.46
N GLU A 132 5.38 -31.49 25.38
CA GLU A 132 5.35 -32.94 25.23
C GLU A 132 6.06 -33.63 26.39
N ARG A 133 7.02 -32.96 27.02
CA ARG A 133 7.88 -33.55 28.04
C ARG A 133 7.41 -33.28 29.46
N LEU A 134 6.25 -32.63 29.63
CA LEU A 134 5.71 -32.45 30.96
C LEU A 134 5.13 -33.75 31.47
N ASN A 135 5.22 -33.93 32.78
CA ASN A 135 4.68 -35.11 33.45
C ASN A 135 3.18 -34.93 33.70
N ALA A 136 2.53 -36.02 34.14
CA ALA A 136 1.08 -36.06 34.23
C ALA A 136 0.52 -34.96 35.14
N ASP A 137 1.20 -34.72 36.27
CA ASP A 137 0.68 -33.79 37.27
C ASP A 137 0.90 -32.32 36.93
N GLU A 138 1.56 -32.02 35.83
CA GLU A 138 2.14 -30.70 35.64
C GLU A 138 1.29 -29.83 34.74
N HIS A 139 1.48 -28.52 34.86
CA HIS A 139 0.72 -27.53 34.10
C HIS A 139 1.68 -26.57 33.40
N ILE A 140 1.10 -25.66 32.63
CA ILE A 140 1.83 -24.73 31.78
C ILE A 140 1.56 -23.32 32.26
N GLU A 141 2.61 -22.55 32.50
CA GLU A 141 2.51 -21.12 32.76
C GLU A 141 2.50 -20.43 31.40
N VAL A 142 1.34 -19.95 30.98
CA VAL A 142 1.13 -19.62 29.56
C VAL A 142 1.87 -18.37 29.13
N PRO A 143 1.69 -17.19 29.73
CA PRO A 143 2.46 -16.03 29.23
C PRO A 143 3.95 -16.22 29.38
N GLU A 144 4.37 -16.94 30.44
CA GLU A 144 5.79 -17.20 30.66
C GLU A 144 6.39 -18.00 29.50
N ASP A 145 5.72 -19.06 29.06
CA ASP A 145 6.23 -19.82 27.91
C ASP A 145 6.05 -19.08 26.59
N MET A 146 4.96 -18.33 26.43
CA MET A 146 4.83 -17.54 25.19
C MET A 146 5.92 -16.48 25.10
N THR A 147 6.32 -15.91 26.24
CA THR A 147 7.38 -14.90 26.24
C THR A 147 8.73 -15.55 25.91
N ARG A 148 8.99 -16.73 26.46
CA ARG A 148 10.18 -17.49 26.06
C ARG A 148 10.21 -17.70 24.55
N LEU A 149 9.07 -18.09 23.97
CA LEU A 149 9.01 -18.32 22.54
C LEU A 149 9.23 -17.03 21.75
N THR A 150 8.50 -15.97 22.09
CA THR A 150 8.58 -14.77 21.24
C THR A 150 9.92 -14.08 21.35
N LEU A 151 10.51 -14.02 22.55
CA LEU A 151 11.84 -13.42 22.67
C LEU A 151 12.89 -14.23 21.91
N ASP A 152 12.85 -15.55 22.05
CA ASP A 152 13.78 -16.39 21.28
C ASP A 152 13.56 -16.23 19.78
N THR A 153 12.31 -16.11 19.34
CA THR A 153 12.04 -16.02 17.92
C THR A 153 12.57 -14.70 17.35
N ILE A 154 12.41 -13.60 18.09
CA ILE A 154 12.94 -12.33 17.63
C ILE A 154 14.47 -12.35 17.65
N GLY A 155 15.08 -12.97 18.68
CA GLY A 155 16.53 -13.03 18.71
C GLY A 155 17.10 -13.83 17.55
N LEU A 156 16.47 -14.95 17.21
CA LEU A 156 16.94 -15.77 16.10
C LEU A 156 16.73 -15.08 14.76
N CYS A 157 15.49 -14.68 14.48
CA CYS A 157 15.18 -14.02 13.21
C CYS A 157 15.75 -12.60 13.14
N GLY A 158 16.01 -11.97 14.28
CA GLY A 158 16.49 -10.60 14.30
C GLY A 158 17.98 -10.49 14.08
N PHE A 159 18.78 -11.21 14.89
CA PHE A 159 20.23 -11.12 14.71
C PHE A 159 20.92 -12.46 14.92
N ASN A 160 20.23 -13.56 14.60
CA ASN A 160 20.80 -14.90 14.63
C ASN A 160 21.41 -15.23 15.98
N TYR A 161 20.72 -14.81 17.05
CA TYR A 161 21.21 -14.98 18.41
C TYR A 161 20.22 -15.86 19.17
N ARG A 162 20.74 -16.82 19.93
CA ARG A 162 19.92 -17.76 20.68
C ARG A 162 19.92 -17.36 22.15
N PHE A 163 18.81 -16.79 22.61
CA PHE A 163 18.64 -16.53 24.04
C PHE A 163 18.46 -17.80 24.84
N ASN A 164 18.01 -18.89 24.19
CA ASN A 164 17.90 -20.20 24.81
C ASN A 164 16.99 -20.16 26.03
N SER A 165 15.85 -19.47 25.89
CA SER A 165 14.96 -19.24 27.01
C SER A 165 14.36 -20.53 27.56
N PHE A 166 14.19 -21.54 26.70
CA PHE A 166 13.63 -22.81 27.17
C PHE A 166 14.65 -23.68 27.90
N TYR A 167 15.89 -23.21 28.02
CA TYR A 167 16.92 -23.91 28.79
C TYR A 167 17.15 -23.30 30.15
N ARG A 168 16.28 -22.39 30.60
CA ARG A 168 16.60 -21.67 31.81
C ARG A 168 15.33 -21.20 32.52
N ASP A 169 15.52 -20.77 33.76
CA ASP A 169 14.49 -20.13 34.57
C ASP A 169 14.74 -18.63 34.68
N GLN A 170 15.91 -18.24 35.15
CA GLN A 170 16.32 -16.84 35.08
C GLN A 170 16.68 -16.50 33.63
N PRO A 171 16.08 -15.48 33.04
CA PRO A 171 16.36 -15.18 31.64
C PRO A 171 17.80 -14.76 31.42
N HIS A 172 18.19 -14.74 30.14
CA HIS A 172 19.45 -14.19 29.67
C HIS A 172 19.70 -12.84 30.33
N PRO A 173 20.94 -12.51 30.68
CA PRO A 173 21.20 -11.21 31.32
C PRO A 173 20.70 -10.02 30.51
N PHE A 174 20.74 -10.11 29.18
CA PHE A 174 20.18 -9.05 28.34
C PHE A 174 18.69 -8.91 28.57
N ILE A 175 17.95 -10.01 28.45
CA ILE A 175 16.50 -9.97 28.67
C ILE A 175 16.18 -9.45 30.05
N THR A 176 16.90 -9.95 31.08
CA THR A 176 16.70 -9.46 32.44
C THR A 176 16.85 -7.96 32.51
N SER A 177 17.88 -7.42 31.87
CA SER A 177 18.18 -6.01 32.02
C SER A 177 17.29 -5.15 31.14
N MET A 178 16.82 -5.69 30.02
CA MET A 178 15.86 -4.97 29.20
C MET A 178 14.55 -4.75 29.95
N VAL A 179 13.97 -5.83 30.49
CA VAL A 179 12.70 -5.72 31.19
C VAL A 179 12.83 -4.83 32.42
N ARG A 180 13.96 -4.94 33.14
CA ARG A 180 14.20 -4.07 34.28
C ARG A 180 14.33 -2.62 33.85
N ALA A 181 14.90 -2.38 32.66
CA ALA A 181 14.97 -1.02 32.14
C ALA A 181 13.60 -0.52 31.71
N LEU A 182 12.82 -1.39 31.04
CA LEU A 182 11.44 -1.03 30.72
C LEU A 182 10.64 -0.75 31.98
N ASP A 183 10.88 -1.52 33.04
CA ASP A 183 10.19 -1.29 34.31
C ASP A 183 10.53 0.10 34.86
N GLU A 184 11.82 0.44 34.91
CA GLU A 184 12.22 1.75 35.42
C GLU A 184 11.60 2.87 34.59
N ALA A 185 11.60 2.71 33.26
CA ALA A 185 10.95 3.70 32.40
C ALA A 185 9.48 3.85 32.76
N MET A 186 8.79 2.74 33.02
CA MET A 186 7.38 2.80 33.40
C MET A 186 7.21 3.49 34.75
N ASN A 187 8.09 3.19 35.71
CA ASN A 187 7.90 3.69 37.07
C ASN A 187 8.06 5.20 37.17
N LYS A 188 8.86 5.77 36.26
CA LYS A 188 9.13 7.23 36.25
C LYS A 188 7.88 8.00 35.82
N LEU A 189 6.85 7.29 35.38
CA LEU A 189 5.58 7.95 34.95
C LEU A 189 4.98 8.67 36.16
N GLN A 190 5.08 8.06 37.34
CA GLN A 190 4.53 8.66 38.58
C GLN A 190 5.70 8.94 39.53
N ARG A 191 6.34 10.08 39.34
CA ARG A 191 7.48 10.54 40.18
C ARG A 191 7.46 12.06 40.18
N ASP A 195 15.86 15.04 39.66
CA ASP A 195 15.67 16.27 40.46
C ASP A 195 15.92 15.94 41.93
N ASP A 196 14.90 15.39 42.60
CA ASP A 196 14.97 15.02 44.03
C ASP A 196 16.08 13.98 44.22
N PRO A 197 16.89 14.05 45.29
CA PRO A 197 17.98 13.09 45.54
C PRO A 197 17.55 11.68 45.99
N ALA A 198 16.24 11.48 46.23
CA ALA A 198 15.66 10.18 46.61
C ALA A 198 15.68 9.24 45.40
N TYR A 199 15.66 9.81 44.18
CA TYR A 199 15.71 9.05 42.89
C TYR A 199 17.15 8.92 42.41
N ASP A 200 18.13 8.85 43.33
CA ASP A 200 19.56 8.76 42.97
C ASP A 200 19.93 7.32 42.60
N GLU A 201 19.43 6.33 43.35
CA GLU A 201 19.75 4.90 43.08
C GLU A 201 19.00 4.44 41.84
N ASN A 202 17.85 5.05 41.55
CA ASN A 202 17.07 4.66 40.35
C ASN A 202 17.78 5.18 39.10
N LYS A 203 18.50 6.30 39.24
CA LYS A 203 19.24 6.96 38.13
C LYS A 203 20.65 6.34 37.97
N ARG A 204 20.98 5.32 38.76
CA ARG A 204 22.29 4.63 38.71
C ARG A 204 22.08 3.22 38.14
N GLN A 205 21.00 2.56 38.55
CA GLN A 205 20.71 1.16 38.11
C GLN A 205 20.25 1.19 36.65
N PHE A 206 19.56 2.25 36.25
CA PHE A 206 19.08 2.41 34.86
C PHE A 206 20.27 2.29 33.91
N GLN A 207 21.33 3.04 34.20
CA GLN A 207 22.57 3.07 33.37
C GLN A 207 23.18 1.69 33.21
N GLU A 208 23.18 0.87 34.27
CA GLU A 208 23.81 -0.48 34.19
C GLU A 208 23.04 -1.35 33.19
N ASP A 209 21.72 -1.29 33.22
CA ASP A 209 20.87 -2.12 32.32
C ASP A 209 21.08 -1.67 30.86
N ILE A 210 21.22 -0.36 30.65
CA ILE A 210 21.46 0.17 29.27
C ILE A 210 22.78 -0.41 28.77
N LYS A 211 23.80 -0.44 29.63
CA LYS A 211 25.15 -0.95 29.27
C LYS A 211 25.07 -2.40 28.76
N VAL A 212 24.54 -3.34 29.54
CA VAL A 212 24.53 -4.77 29.09
C VAL A 212 23.84 -4.91 27.73
N MET A 213 22.69 -4.24 27.56
CA MET A 213 21.95 -4.31 26.27
C MET A 213 22.84 -3.76 25.15
N ASN A 214 23.45 -2.59 25.38
CA ASN A 214 24.31 -1.95 24.36
C ASN A 214 25.55 -2.82 24.11
N ASP A 215 26.17 -3.33 25.18
CA ASP A 215 27.40 -4.08 25.06
C ASP A 215 27.23 -5.33 24.21
N LEU A 216 26.17 -6.11 24.45
CA LEU A 216 26.02 -7.37 23.74
C LEU A 216 25.63 -7.15 22.27
N VAL A 217 24.71 -6.23 22.00
CA VAL A 217 24.27 -6.06 20.62
C VAL A 217 25.37 -5.41 19.77
N ASP A 218 26.10 -4.46 20.35
CA ASP A 218 27.23 -3.87 19.63
C ASP A 218 28.27 -4.93 19.28
N LYS A 219 28.58 -5.82 20.23
CA LYS A 219 29.52 -6.90 19.94
C LYS A 219 29.01 -7.78 18.80
N ILE A 220 27.72 -8.15 18.85
CA ILE A 220 27.14 -8.97 17.79
C ILE A 220 27.34 -8.30 16.44
N ILE A 221 27.05 -7.00 16.37
CA ILE A 221 27.16 -6.27 15.11
C ILE A 221 28.62 -6.20 14.67
N ALA A 222 29.52 -5.89 15.60
CA ALA A 222 30.95 -5.92 15.30
C ALA A 222 31.37 -7.31 14.84
N ASP A 223 30.93 -8.35 15.57
CA ASP A 223 31.25 -9.72 15.21
C ASP A 223 30.82 -10.04 13.78
N ARG A 224 29.62 -9.59 13.39
CA ARG A 224 29.10 -9.90 12.07
C ARG A 224 29.84 -9.14 10.98
N LYS A 225 30.13 -7.85 11.24
CA LYS A 225 30.93 -7.08 10.28
C LYS A 225 32.27 -7.75 10.01
N ALA A 226 32.94 -8.21 11.07
CA ALA A 226 34.24 -8.85 10.90
C ALA A 226 34.12 -10.16 10.14
N SER A 227 33.12 -10.97 10.48
CA SER A 227 32.97 -12.26 9.83
C SER A 227 32.51 -12.10 8.38
N GLY A 228 31.69 -11.09 8.10
CA GLY A 228 31.13 -10.93 6.78
C GLY A 228 30.12 -11.97 6.39
N GLU A 229 29.67 -12.80 7.33
CA GLU A 229 28.75 -13.89 7.05
C GLU A 229 27.35 -13.35 6.74
N GLN A 230 26.63 -14.08 5.89
CA GLN A 230 25.29 -13.72 5.44
C GLN A 230 24.29 -14.71 6.01
N SER A 231 23.31 -14.20 6.75
CA SER A 231 22.25 -15.01 7.35
C SER A 231 20.88 -14.50 6.90
N ASP A 232 19.84 -15.19 7.36
CA ASP A 232 18.46 -14.85 7.06
C ASP A 232 17.83 -13.95 8.11
N ASP A 233 18.62 -13.09 8.75
CA ASP A 233 18.12 -12.25 9.83
C ASP A 233 18.04 -10.78 9.40
N LEU A 234 17.37 -9.99 10.23
CA LEU A 234 17.18 -8.55 9.96
C LEU A 234 18.53 -7.83 10.04
N LEU A 235 19.45 -8.33 10.85
CA LEU A 235 20.78 -7.69 10.98
C LEU A 235 21.49 -7.66 9.62
N THR A 236 21.46 -8.78 8.90
CA THR A 236 22.12 -8.85 7.58
C THR A 236 21.52 -7.78 6.67
N HIS A 237 20.19 -7.75 6.58
CA HIS A 237 19.48 -6.76 5.72
C HIS A 237 19.84 -5.33 6.13
N MET A 238 19.99 -5.05 7.43
CA MET A 238 20.33 -3.69 7.93
C MET A 238 21.78 -3.34 7.61
N LEU A 239 22.69 -4.32 7.66
CA LEU A 239 24.13 -4.04 7.41
C LEU A 239 24.37 -3.80 5.91
N ASN A 240 23.50 -4.35 5.05
CA ASN A 240 23.69 -4.22 3.59
C ASN A 240 22.64 -3.32 2.93
N GLY A 241 21.62 -2.87 3.66
CA GLY A 241 20.59 -2.07 3.02
C GLY A 241 21.03 -0.64 2.78
N LYS A 242 20.44 -0.04 1.73
CA LYS A 242 20.61 1.36 1.40
C LYS A 242 19.23 1.99 1.25
N ASP A 243 19.05 3.15 1.87
CA ASP A 243 17.80 3.89 1.71
C ASP A 243 17.70 4.39 0.27
N PRO A 244 16.67 4.01 -0.48
CA PRO A 244 16.56 4.50 -1.87
C PRO A 244 16.49 6.02 -1.98
N GLU A 245 15.94 6.71 -0.98
CA GLU A 245 15.79 8.16 -1.07
C GLU A 245 17.12 8.87 -0.83
N THR A 246 17.71 8.71 0.35
CA THR A 246 18.99 9.36 0.64
C THR A 246 20.17 8.63 0.03
N GLY A 247 20.01 7.36 -0.35
CA GLY A 247 21.16 6.56 -0.74
C GLY A 247 22.07 6.17 0.39
N GLU A 248 21.65 6.39 1.65
CA GLU A 248 22.51 6.13 2.79
C GLU A 248 22.10 4.84 3.49
N PRO A 249 23.05 4.14 4.09
CA PRO A 249 22.74 3.03 4.98
C PRO A 249 22.57 3.53 6.41
N LEU A 250 22.10 2.63 7.27
CA LEU A 250 22.04 2.93 8.69
C LEU A 250 23.43 2.80 9.30
N ASP A 251 23.76 3.71 10.21
CA ASP A 251 25.04 3.53 10.89
C ASP A 251 24.90 2.53 12.04
N ASP A 252 26.04 2.10 12.57
CA ASP A 252 26.05 1.00 13.54
C ASP A 252 25.27 1.34 14.80
N GLU A 253 25.38 2.58 15.26
CA GLU A 253 24.67 2.98 16.47
C GLU A 253 23.16 2.87 16.27
N ASN A 254 22.66 3.31 15.11
CA ASN A 254 21.23 3.21 14.86
C ASN A 254 20.81 1.76 14.62
N ILE A 255 21.67 0.94 14.02
CA ILE A 255 21.36 -0.48 13.90
C ILE A 255 21.21 -1.10 15.28
N ARG A 256 22.06 -0.69 16.22
CA ARG A 256 21.91 -1.16 17.60
C ARG A 256 20.55 -0.79 18.17
N TYR A 257 20.16 0.48 18.00
CA TYR A 257 18.85 0.90 18.50
C TYR A 257 17.73 0.14 17.82
N GLN A 258 17.88 -0.20 16.54
CA GLN A 258 16.85 -0.97 15.85
C GLN A 258 16.71 -2.37 16.45
N ILE A 259 17.82 -3.03 16.79
CA ILE A 259 17.71 -4.37 17.35
C ILE A 259 17.08 -4.32 18.74
N ILE A 260 17.53 -3.38 19.58
CA ILE A 260 16.88 -3.17 20.87
C ILE A 260 15.38 -2.94 20.66
N THR A 261 15.03 -2.18 19.61
CA THR A 261 13.63 -1.84 19.38
C THR A 261 12.80 -3.06 18.98
N PHE A 262 13.35 -3.93 18.12
CA PHE A 262 12.61 -5.13 17.74
C PHE A 262 12.23 -5.95 18.98
N LEU A 263 13.12 -6.02 19.96
CA LEU A 263 12.88 -6.85 21.14
C LEU A 263 11.89 -6.18 22.09
N ILE A 264 12.04 -4.87 22.32
CA ILE A 264 11.03 -4.14 23.10
C ILE A 264 9.67 -4.26 22.43
N ALA A 265 9.61 -3.94 21.14
CA ALA A 265 8.33 -3.74 20.46
C ALA A 265 7.61 -5.06 20.19
N GLY A 266 8.36 -6.15 20.00
CA GLY A 266 7.73 -7.37 19.53
C GLY A 266 7.42 -8.44 20.55
N HIS A 267 8.24 -8.55 21.60
CA HIS A 267 8.18 -9.75 22.43
C HIS A 267 6.95 -9.77 23.32
N GLU A 268 6.62 -8.64 23.95
CA GLU A 268 5.54 -8.61 24.94
C GLU A 268 4.18 -8.61 24.26
N THR A 269 4.04 -7.87 23.17
CA THR A 269 2.78 -7.80 22.44
C THR A 269 2.40 -9.14 21.85
N THR A 270 3.36 -9.80 21.18
CA THR A 270 3.09 -11.09 20.55
C THR A 270 2.86 -12.17 21.59
N SER A 271 3.61 -12.11 22.68
CA SER A 271 3.39 -13.07 23.77
C SER A 271 2.02 -12.86 24.40
N GLY A 272 1.65 -11.61 24.65
CA GLY A 272 0.31 -11.32 25.14
C GLY A 272 -0.77 -11.82 24.20
N LEU A 273 -0.58 -11.62 22.89
CA LEU A 273 -1.56 -12.07 21.91
C LEU A 273 -1.76 -13.58 21.99
N LEU A 274 -0.66 -14.34 21.96
CA LEU A 274 -0.77 -15.78 22.07
C LEU A 274 -1.47 -16.19 23.36
N SER A 275 -1.16 -15.49 24.46
CA SER A 275 -1.75 -15.84 25.74
C SER A 275 -3.24 -15.52 25.79
N PHE A 276 -3.63 -14.34 25.30
CA PHE A 276 -5.06 -14.01 25.25
C PHE A 276 -5.80 -14.93 24.30
N ALA A 277 -5.18 -15.31 23.19
CA ALA A 277 -5.83 -16.20 22.22
C ALA A 277 -6.13 -17.56 22.84
N LEU A 278 -5.15 -18.14 23.54
CA LEU A 278 -5.38 -19.43 24.19
C LEU A 278 -6.41 -19.31 25.31
N TYR A 279 -6.39 -18.20 26.05
CA TYR A 279 -7.42 -17.97 27.07
C TYR A 279 -8.82 -18.00 26.47
N PHE A 280 -9.04 -17.24 25.39
CA PHE A 280 -10.38 -17.20 24.83
C PHE A 280 -10.77 -18.55 24.24
N LEU A 281 -9.79 -19.31 23.75
CA LEU A 281 -10.09 -20.64 23.21
C LEU A 281 -10.55 -21.59 24.31
N VAL A 282 -9.85 -21.61 25.45
CA VAL A 282 -10.26 -22.54 26.51
C VAL A 282 -11.57 -22.10 27.15
N LYS A 283 -11.90 -20.81 27.10
CA LYS A 283 -13.19 -20.35 27.60
C LYS A 283 -14.32 -20.52 26.59
N ASN A 284 -14.01 -20.91 25.36
CA ASN A 284 -15.00 -21.08 24.30
C ASN A 284 -14.70 -22.38 23.57
N PRO A 285 -15.08 -23.53 24.16
CA PRO A 285 -14.67 -24.83 23.61
C PRO A 285 -15.17 -25.10 22.20
N HIS A 286 -16.30 -24.52 21.80
CA HIS A 286 -16.76 -24.70 20.42
C HIS A 286 -15.82 -24.00 19.46
N VAL A 287 -15.27 -22.85 19.85
CA VAL A 287 -14.32 -22.15 19.00
C VAL A 287 -12.98 -22.89 18.99
N LEU A 288 -12.57 -23.44 20.13
CA LEU A 288 -11.35 -24.25 20.17
C LEU A 288 -11.46 -25.44 19.23
N GLN A 289 -12.59 -26.15 19.27
CA GLN A 289 -12.74 -27.33 18.43
C GLN A 289 -12.67 -26.97 16.95
N LYS A 290 -13.36 -25.90 16.54
CA LYS A 290 -13.32 -25.44 15.16
C LYS A 290 -11.89 -25.07 14.74
N ALA A 291 -11.13 -24.45 15.63
CA ALA A 291 -9.75 -24.11 15.31
C ALA A 291 -8.86 -25.35 15.27
N ALA A 292 -9.09 -26.29 16.20
CA ALA A 292 -8.32 -27.54 16.21
C ALA A 292 -8.60 -28.36 14.97
N GLU A 293 -9.85 -28.39 14.50
CA GLU A 293 -10.18 -29.11 13.28
C GLU A 293 -9.45 -28.51 12.08
N GLU A 294 -9.33 -27.18 12.04
CA GLU A 294 -8.56 -26.55 10.97
C GLU A 294 -7.09 -26.95 11.04
N ALA A 295 -6.49 -26.86 12.22
CA ALA A 295 -5.07 -27.19 12.34
C ALA A 295 -4.80 -28.63 11.91
N ALA A 296 -5.65 -29.56 12.34
CA ALA A 296 -5.49 -30.95 11.93
C ALA A 296 -5.66 -31.12 10.42
N ARG A 297 -6.63 -30.41 9.84
CA ARG A 297 -6.90 -30.52 8.41
C ARG A 297 -5.75 -29.95 7.59
N VAL A 298 -5.15 -28.87 8.05
CA VAL A 298 -4.19 -28.13 7.22
C VAL A 298 -2.74 -28.55 7.50
N LEU A 299 -2.38 -28.81 8.75
CA LEU A 299 -0.99 -29.09 9.10
C LEU A 299 -0.73 -30.60 8.98
N VAL A 300 -0.67 -31.05 7.72
CA VAL A 300 -0.56 -32.48 7.41
C VAL A 300 0.86 -33.02 7.42
N ASP A 301 1.86 -32.16 7.58
CA ASP A 301 3.26 -32.57 7.59
C ASP A 301 3.82 -32.47 9.00
N PRO A 302 4.90 -33.21 9.31
CA PRO A 302 5.49 -33.10 10.67
C PRO A 302 5.86 -31.69 11.05
N VAL A 303 6.28 -30.89 10.06
CA VAL A 303 6.74 -29.52 10.26
C VAL A 303 5.84 -28.62 9.42
N PRO A 304 5.31 -27.53 9.96
CA PRO A 304 4.48 -26.65 9.14
C PRO A 304 5.31 -25.91 8.10
N SER A 305 4.75 -25.84 6.90
CA SER A 305 5.35 -25.09 5.76
C SER A 305 4.82 -23.66 5.81
N TYR A 306 5.50 -22.73 5.13
CA TYR A 306 5.05 -21.33 5.11
C TYR A 306 3.64 -21.24 4.50
N LYS A 307 3.39 -21.98 3.43
CA LYS A 307 2.06 -21.94 2.74
C LYS A 307 0.97 -22.51 3.65
N GLN A 308 1.28 -23.54 4.43
CA GLN A 308 0.28 -24.15 5.34
C GLN A 308 -0.16 -23.10 6.38
N VAL A 309 0.80 -22.32 6.89
CA VAL A 309 0.48 -21.28 7.91
C VAL A 309 -0.49 -20.25 7.31
N LYS A 310 -0.31 -19.90 6.03
CA LYS A 310 -1.18 -18.94 5.32
C LYS A 310 -2.57 -19.54 5.07
N GLN A 311 -2.72 -20.86 5.08
CA GLN A 311 -4.02 -21.54 4.88
C GLN A 311 -4.76 -21.70 6.21
N LEU A 312 -4.18 -21.24 7.33
CA LEU A 312 -4.86 -21.35 8.64
C LEU A 312 -5.78 -20.13 8.84
N LYS A 313 -6.84 -20.06 8.05
CA LYS A 313 -7.79 -18.92 8.03
C LYS A 313 -8.47 -18.73 9.39
N TYR A 314 -9.04 -19.79 9.95
CA TYR A 314 -9.77 -19.66 11.23
C TYR A 314 -8.80 -19.28 12.35
N VAL A 315 -7.62 -19.87 12.36
CA VAL A 315 -6.63 -19.51 13.38
C VAL A 315 -6.33 -18.02 13.31
N GLY A 316 -6.21 -17.49 12.09
CA GLY A 316 -6.00 -16.05 11.93
C GLY A 316 -7.18 -15.24 12.42
N MET A 317 -8.41 -15.73 12.19
CA MET A 317 -9.59 -15.05 12.71
C MET A 317 -9.60 -15.06 14.23
N VAL A 318 -9.20 -16.19 14.83
CA VAL A 318 -9.07 -16.28 16.28
C VAL A 318 -8.10 -15.23 16.81
N LEU A 319 -6.94 -15.08 16.16
CA LEU A 319 -5.97 -14.10 16.61
C LEU A 319 -6.49 -12.68 16.46
N ASN A 320 -7.16 -12.38 15.34
CA ASN A 320 -7.69 -11.03 15.17
C ASN A 320 -8.80 -10.73 16.18
N GLU A 321 -9.63 -11.71 16.52
CA GLU A 321 -10.65 -11.47 17.52
C GLU A 321 -10.04 -11.30 18.91
N ALA A 322 -8.94 -12.01 19.19
CA ALA A 322 -8.23 -11.77 20.44
C ALA A 322 -7.66 -10.35 20.48
N LEU A 323 -7.08 -9.90 19.36
CA LEU A 323 -6.59 -8.52 19.26
C LEU A 323 -7.72 -7.51 19.32
N ARG A 324 -8.92 -7.88 18.86
CA ARG A 324 -10.04 -6.95 18.99
C ARG A 324 -10.34 -6.69 20.46
N LEU A 325 -10.48 -7.75 21.25
CA LEU A 325 -10.89 -7.57 22.64
C LEU A 325 -9.75 -7.01 23.49
N TRP A 326 -8.53 -7.49 23.30
CA TRP A 326 -7.40 -7.09 24.15
C TRP A 326 -6.18 -6.81 23.29
N PRO A 327 -6.19 -5.70 22.55
CA PRO A 327 -5.00 -5.28 21.79
C PRO A 327 -3.84 -5.04 22.74
N THR A 328 -2.74 -5.78 22.53
CA THR A 328 -1.72 -5.87 23.56
C THR A 328 -0.85 -4.63 23.66
N ALA A 329 -0.83 -3.78 22.62
CA ALA A 329 -0.32 -2.42 22.72
C ALA A 329 -1.54 -1.51 22.66
N PRO A 330 -2.17 -1.21 23.79
CA PRO A 330 -3.57 -0.75 23.76
C PRO A 330 -3.78 0.72 23.45
N ALA A 331 -2.75 1.53 23.27
CA ALA A 331 -2.97 2.94 23.01
C ALA A 331 -1.84 3.49 22.16
N PHE A 332 -2.15 4.46 21.31
CA PHE A 332 -1.11 5.26 20.66
C PHE A 332 -1.50 6.73 20.69
N SER A 333 -0.49 7.57 20.50
CA SER A 333 -0.59 9.01 20.70
C SER A 333 -0.37 9.76 19.39
N LEU A 334 -1.12 10.84 19.21
CA LEU A 334 -1.05 11.67 18.01
C LEU A 334 -1.03 13.14 18.39
N TYR A 335 -0.54 13.98 17.48
CA TYR A 335 -0.62 15.41 17.64
C TYR A 335 -1.15 16.04 16.36
N ALA A 336 -1.82 17.18 16.52
CA ALA A 336 -2.40 17.88 15.38
C ALA A 336 -1.30 18.61 14.62
N LYS A 337 -1.21 18.34 13.32
CA LYS A 337 -0.19 19.00 12.50
C LYS A 337 -0.51 20.48 12.31
N GLU A 338 -1.79 20.83 12.22
CA GLU A 338 -2.22 22.22 12.09
C GLU A 338 -3.48 22.39 12.92
N ASP A 339 -3.92 23.64 13.08
CA ASP A 339 -5.24 23.88 13.65
C ASP A 339 -6.29 23.11 12.83
N THR A 340 -7.21 22.46 13.52
CA THR A 340 -8.22 21.67 12.83
C THR A 340 -9.38 21.45 13.79
N VAL A 341 -10.53 21.06 13.24
CA VAL A 341 -11.72 20.77 14.01
C VAL A 341 -12.00 19.27 13.92
N LEU A 342 -12.14 18.63 15.07
CA LEU A 342 -12.34 17.18 15.15
C LEU A 342 -13.82 16.87 15.27
N GLY A 343 -14.31 16.02 14.39
CA GLY A 343 -15.69 15.58 14.45
C GLY A 343 -16.71 16.70 14.28
N GLY A 344 -16.31 17.81 13.67
CA GLY A 344 -17.23 18.92 13.47
C GLY A 344 -17.61 19.71 14.70
N GLU A 345 -17.02 19.40 15.86
CA GLU A 345 -17.43 20.08 17.07
C GLU A 345 -16.32 20.30 18.10
N TYR A 346 -15.10 19.81 17.89
CA TYR A 346 -14.02 19.98 18.85
C TYR A 346 -12.83 20.68 18.21
N PRO A 347 -12.70 21.99 18.36
CA PRO A 347 -11.55 22.69 17.76
C PRO A 347 -10.26 22.33 18.47
N LEU A 348 -9.23 22.10 17.66
CA LEU A 348 -7.90 21.75 18.14
C LEU A 348 -6.90 22.75 17.59
N GLU A 349 -5.89 23.04 18.38
CA GLU A 349 -4.79 23.90 17.94
C GLU A 349 -3.63 23.03 17.51
N LYS A 350 -2.82 23.55 16.59
CA LYS A 350 -1.58 22.88 16.21
C LYS A 350 -0.82 22.45 17.45
N GLY A 351 -0.43 21.17 17.50
CA GLY A 351 0.30 20.63 18.61
C GLY A 351 -0.54 19.90 19.64
N ASP A 352 -1.87 20.04 19.61
CA ASP A 352 -2.73 19.36 20.58
C ASP A 352 -2.59 17.85 20.45
N GLU A 353 -2.62 17.16 21.58
CA GLU A 353 -2.37 15.72 21.61
C GLU A 353 -3.67 14.94 21.73
N LEU A 354 -3.70 13.79 21.06
CA LEU A 354 -4.78 12.82 21.18
C LEU A 354 -4.19 11.47 21.59
N MET A 355 -4.98 10.69 22.31
CA MET A 355 -4.68 9.29 22.56
C MET A 355 -5.79 8.46 21.94
N VAL A 356 -5.42 7.44 21.18
CA VAL A 356 -6.40 6.47 20.69
C VAL A 356 -6.46 5.32 21.69
N LEU A 357 -7.63 5.12 22.28
CA LEU A 357 -7.86 4.06 23.25
C LEU A 357 -8.37 2.85 22.49
N ILE A 358 -7.47 1.99 22.05
CA ILE A 358 -7.80 0.93 21.09
C ILE A 358 -8.82 -0.06 21.65
N PRO A 359 -8.71 -0.53 22.90
CA PRO A 359 -9.75 -1.47 23.38
C PRO A 359 -11.15 -0.87 23.33
N GLN A 360 -11.28 0.44 23.49
CA GLN A 360 -12.60 1.05 23.41
C GLN A 360 -13.07 1.23 21.97
N LEU A 361 -12.16 1.62 21.07
CA LEU A 361 -12.49 1.59 19.64
C LEU A 361 -13.04 0.23 19.23
N HIS A 362 -12.42 -0.84 19.73
CA HIS A 362 -12.81 -2.19 19.35
C HIS A 362 -14.10 -2.63 20.03
N ARG A 363 -14.68 -1.79 20.88
CA ARG A 363 -15.96 -2.06 21.50
C ARG A 363 -17.03 -1.07 21.06
N ASP A 364 -16.78 -0.34 19.96
CA ASP A 364 -17.74 0.59 19.40
C ASP A 364 -18.93 -0.18 18.82
N LYS A 365 -20.06 -0.15 19.54
CA LYS A 365 -21.27 -0.92 19.20
C LYS A 365 -21.86 -0.51 17.83
N THR A 366 -21.53 0.69 17.35
CA THR A 366 -22.04 1.14 16.02
C THR A 366 -21.30 0.41 14.90
N ILE A 367 -20.10 -0.09 15.17
CA ILE A 367 -19.30 -0.82 14.16
C ILE A 367 -19.49 -2.33 14.33
N TRP A 368 -19.42 -2.83 15.56
CA TRP A 368 -19.41 -4.31 15.78
C TRP A 368 -20.76 -4.89 16.20
N GLY A 369 -21.73 -4.06 16.55
CA GLY A 369 -23.00 -4.62 17.03
C GLY A 369 -23.07 -4.59 18.55
N ASP A 370 -24.11 -5.14 19.14
CA ASP A 370 -24.27 -5.07 20.62
C ASP A 370 -23.45 -6.12 21.36
N ASP A 371 -23.05 -7.22 20.70
CA ASP A 371 -22.34 -8.33 21.40
C ASP A 371 -20.82 -8.14 21.40
N VAL A 372 -20.33 -6.91 21.58
CA VAL A 372 -18.87 -6.57 21.51
C VAL A 372 -18.03 -7.31 22.56
N GLU A 373 -18.60 -7.70 23.70
CA GLU A 373 -17.79 -8.38 24.74
C GLU A 373 -17.62 -9.87 24.43
N GLU A 374 -18.38 -10.40 23.48
CA GLU A 374 -18.31 -11.85 23.15
C GLU A 374 -17.11 -12.17 22.26
N PHE A 375 -16.51 -13.33 22.48
CA PHE A 375 -15.37 -13.78 21.64
C PHE A 375 -15.96 -14.51 20.43
N ARG A 376 -16.02 -13.84 19.29
CA ARG A 376 -16.59 -14.48 18.08
C ARG A 376 -15.64 -14.27 16.90
N PRO A 377 -14.78 -15.27 16.58
CA PRO A 377 -13.84 -15.18 15.45
C PRO A 377 -14.48 -15.01 14.06
N GLU A 378 -15.75 -15.39 13.95
CA GLU A 378 -16.56 -15.31 12.70
C GLU A 378 -16.76 -13.84 12.31
N ARG A 379 -16.47 -12.90 13.21
CA ARG A 379 -16.59 -11.46 12.88
C ARG A 379 -15.60 -11.12 11.77
N PHE A 380 -14.58 -11.96 11.62
CA PHE A 380 -13.51 -11.69 10.62
C PHE A 380 -13.60 -12.62 9.41
N GLU A 381 -14.78 -13.22 9.15
CA GLU A 381 -14.97 -14.09 7.96
C GLU A 381 -14.51 -13.32 6.72
N ASN A 382 -15.04 -12.11 6.55
CA ASN A 382 -14.63 -11.23 5.43
C ASN A 382 -14.02 -9.96 6.03
N PRO A 383 -12.68 -9.84 6.08
CA PRO A 383 -12.02 -8.66 6.63
C PRO A 383 -12.33 -7.33 5.90
N SER A 384 -12.70 -7.40 4.62
CA SER A 384 -13.03 -6.22 3.80
C SER A 384 -14.32 -5.53 4.26
N ALA A 385 -15.21 -6.24 4.97
CA ALA A 385 -16.48 -5.64 5.46
C ALA A 385 -16.22 -4.63 6.58
N ILE A 386 -15.12 -4.79 7.31
CA ILE A 386 -14.79 -3.87 8.43
C ILE A 386 -14.50 -2.48 7.88
N PRO A 387 -15.16 -1.42 8.38
CA PRO A 387 -14.90 -0.05 7.94
C PRO A 387 -13.47 0.44 8.21
N GLN A 388 -13.06 1.47 7.47
CA GLN A 388 -11.70 2.03 7.63
C GLN A 388 -11.50 2.53 9.07
N HIS A 389 -10.32 2.25 9.63
CA HIS A 389 -9.92 2.68 10.99
C HIS A 389 -10.86 2.18 12.08
N ALA A 390 -11.45 0.99 11.90
CA ALA A 390 -12.35 0.42 12.93
C ALA A 390 -11.58 -0.60 13.76
N PHE A 391 -10.59 -1.23 13.15
CA PHE A 391 -9.76 -2.27 13.80
C PHE A 391 -8.30 -1.84 13.66
N LYS A 392 -7.69 -1.36 14.75
CA LYS A 392 -6.32 -0.79 14.66
C LYS A 392 -5.38 -1.37 15.72
N PRO A 393 -5.21 -2.70 15.87
CA PRO A 393 -4.31 -3.23 16.88
C PRO A 393 -2.82 -3.03 16.54
N PHE A 394 -2.52 -2.63 15.30
CA PHE A 394 -1.12 -2.41 14.84
C PHE A 394 -0.87 -0.93 14.51
N GLY A 395 -1.66 -0.03 15.09
CA GLY A 395 -1.41 1.40 14.87
C GLY A 395 -1.95 1.92 13.56
N ASN A 396 -1.39 3.03 13.06
CA ASN A 396 -2.00 3.63 11.86
C ASN A 396 -0.97 4.20 10.88
N GLY A 397 -1.22 3.99 9.59
CA GLY A 397 -0.51 4.71 8.54
C GLY A 397 0.95 4.31 8.42
N GLN A 398 1.78 5.29 8.03
CA GLN A 398 3.22 5.02 7.91
C GLN A 398 3.86 4.74 9.27
N ARG A 399 3.23 5.14 10.37
CA ARG A 399 3.71 4.79 11.70
C ARG A 399 3.04 3.54 12.26
N ALA A 400 2.43 2.72 11.40
CA ALA A 400 1.90 1.45 11.85
C ALA A 400 3.02 0.47 12.20
N CYS A 401 2.64 -0.60 12.91
CA CYS A 401 3.55 -1.67 13.28
C CYS A 401 4.28 -2.25 12.08
N ILE A 402 5.60 -2.03 11.97
CA ILE A 402 6.34 -2.64 10.88
C ILE A 402 6.38 -4.15 11.02
N GLY A 403 6.21 -4.66 12.24
CA GLY A 403 6.26 -6.08 12.51
C GLY A 403 4.94 -6.82 12.44
N GLN A 404 3.89 -6.21 11.90
CA GLN A 404 2.57 -6.85 11.91
C GLN A 404 2.58 -8.23 11.26
N GLN A 405 3.17 -8.34 10.07
CA GLN A 405 3.19 -9.65 9.40
C GLN A 405 4.07 -10.63 10.15
N PHE A 406 5.17 -10.15 10.74
CA PHE A 406 6.01 -11.02 11.56
C PHE A 406 5.25 -11.58 12.74
N ALA A 407 4.55 -10.71 13.48
CA ALA A 407 3.84 -11.16 14.67
C ALA A 407 2.71 -12.10 14.32
N LEU A 408 1.97 -11.81 13.24
CA LEU A 408 0.84 -12.65 12.89
C LEU A 408 1.32 -13.97 12.29
N HIS A 409 2.42 -13.97 11.56
CA HIS A 409 2.93 -15.25 11.07
C HIS A 409 3.41 -16.12 12.22
N GLU A 410 4.16 -15.54 13.16
CA GLU A 410 4.63 -16.30 14.31
C GLU A 410 3.46 -16.85 15.12
N ALA A 411 2.47 -16.01 15.41
CA ALA A 411 1.35 -16.42 16.25
C ALA A 411 0.45 -17.45 15.56
N THR A 412 0.28 -17.34 14.25
CA THR A 412 -0.55 -18.32 13.55
C THR A 412 0.15 -19.68 13.50
N LEU A 413 1.45 -19.66 13.21
CA LEU A 413 2.26 -20.88 13.23
C LEU A 413 2.19 -21.56 14.59
N VAL A 414 2.47 -20.80 15.65
CA VAL A 414 2.60 -21.39 16.98
C VAL A 414 1.25 -21.86 17.50
N LEU A 415 0.20 -21.06 17.31
CA LEU A 415 -1.11 -21.51 17.77
C LEU A 415 -1.61 -22.67 16.93
N GLY A 416 -1.32 -22.66 15.63
CA GLY A 416 -1.63 -23.81 14.80
C GLY A 416 -1.00 -25.09 15.32
N MET A 417 0.30 -25.04 15.64
CA MET A 417 0.97 -26.23 16.16
C MET A 417 0.43 -26.64 17.53
N MET A 418 0.19 -25.67 18.40
CA MET A 418 -0.42 -25.97 19.71
C MET A 418 -1.73 -26.72 19.55
N LEU A 419 -2.59 -26.25 18.65
CA LEU A 419 -3.90 -26.88 18.45
C LEU A 419 -3.78 -28.23 17.75
N LYS A 420 -2.72 -28.43 16.97
CA LYS A 420 -2.53 -29.73 16.34
C LYS A 420 -2.11 -30.78 17.36
N HIS A 421 -1.27 -30.40 18.32
CA HIS A 421 -0.53 -31.36 19.11
C HIS A 421 -1.10 -31.62 20.50
N PHE A 422 -2.00 -30.77 20.99
CA PHE A 422 -2.47 -30.90 22.37
C PHE A 422 -3.96 -30.58 22.48
N ASP A 423 -4.62 -31.28 23.40
CA ASP A 423 -5.87 -30.83 23.98
C ASP A 423 -5.55 -30.00 25.22
N PHE A 424 -6.40 -29.03 25.51
CA PHE A 424 -6.12 -28.08 26.58
C PHE A 424 -7.21 -28.11 27.64
N GLU A 425 -6.79 -27.98 28.89
CA GLU A 425 -7.72 -27.95 30.02
C GLU A 425 -7.48 -26.68 30.83
N ASP A 426 -8.55 -25.90 31.02
CA ASP A 426 -8.61 -24.78 31.96
C ASP A 426 -8.84 -25.37 33.35
N HIS A 427 -7.78 -25.95 33.92
CA HIS A 427 -7.93 -26.77 35.11
C HIS A 427 -8.21 -25.97 36.38
N THR A 428 -7.90 -24.67 36.39
CA THR A 428 -8.18 -23.84 37.55
C THR A 428 -9.40 -22.95 37.37
N ASN A 429 -10.12 -23.06 36.26
CA ASN A 429 -11.17 -22.12 35.92
C ASN A 429 -10.67 -20.69 36.10
N TYR A 430 -9.60 -20.40 35.38
CA TYR A 430 -8.85 -19.18 35.57
C TYR A 430 -9.75 -17.96 35.39
N GLU A 431 -9.68 -17.04 36.35
CA GLU A 431 -10.38 -15.77 36.23
C GLU A 431 -9.42 -14.73 35.63
N LEU A 432 -9.83 -14.13 34.52
CA LEU A 432 -8.95 -13.23 33.78
C LEU A 432 -8.48 -12.08 34.65
N ASP A 433 -7.17 -11.87 34.66
CA ASP A 433 -6.52 -10.82 35.42
C ASP A 433 -5.48 -10.22 34.50
N ILE A 434 -5.71 -8.98 34.05
CA ILE A 434 -4.89 -8.36 33.00
C ILE A 434 -3.86 -7.47 33.66
N LYS A 435 -2.61 -7.93 33.63
CA LYS A 435 -1.46 -7.17 34.17
C LYS A 435 -1.07 -6.13 33.12
N GLU A 436 -0.76 -4.92 33.57
CA GLU A 436 -0.39 -3.87 32.59
C GLU A 436 1.03 -3.40 32.84
N THR A 437 1.87 -3.50 31.81
CA THR A 437 3.21 -2.88 31.86
C THR A 437 3.00 -1.72 30.89
N LEU A 438 3.73 -1.69 29.79
CA LEU A 438 3.35 -0.74 28.72
C LEU A 438 2.37 -1.49 27.80
N LYS A 439 2.31 -2.82 27.92
CA LYS A 439 1.47 -3.75 27.13
C LYS A 439 0.54 -4.54 28.08
N LEU A 440 -0.37 -5.34 27.52
CA LEU A 440 -1.32 -6.12 28.34
C LEU A 440 -0.99 -7.62 28.25
N LYS A 441 -1.29 -8.36 29.32
CA LYS A 441 -1.09 -9.82 29.34
C LYS A 441 -1.98 -10.44 30.42
N PRO A 442 -2.50 -11.66 30.25
CA PRO A 442 -3.33 -12.31 31.26
C PRO A 442 -2.45 -12.93 32.35
N GLU A 443 -2.22 -12.18 33.43
CA GLU A 443 -1.34 -12.65 34.53
C GLU A 443 -1.88 -13.92 35.20
N GLY A 444 -0.98 -14.87 35.47
CA GLY A 444 -1.34 -16.09 36.15
C GLY A 444 -2.11 -17.08 35.31
N PHE A 445 -2.28 -16.83 34.02
CA PHE A 445 -3.01 -17.75 33.17
C PHE A 445 -2.24 -19.05 33.04
N VAL A 446 -2.96 -20.16 33.20
CA VAL A 446 -2.35 -21.46 33.41
C VAL A 446 -3.29 -22.54 32.88
N VAL A 447 -2.73 -23.56 32.21
CA VAL A 447 -3.48 -24.65 31.58
C VAL A 447 -2.66 -25.93 31.71
N LYS A 448 -3.22 -27.05 31.24
CA LYS A 448 -2.60 -28.36 31.45
C LYS A 448 -1.99 -28.96 30.20
N ALA A 449 -2.79 -29.11 29.13
CA ALA A 449 -2.36 -29.64 27.83
C ALA A 449 -2.01 -31.13 27.85
N LYS A 450 -2.85 -31.94 27.20
CA LYS A 450 -2.66 -33.38 27.08
C LYS A 450 -2.27 -33.69 25.64
N SER A 451 -1.10 -34.31 25.47
CA SER A 451 -0.58 -34.56 24.14
C SER A 451 -1.51 -35.45 23.32
N LYS A 452 -1.72 -35.08 22.06
CA LYS A 452 -2.35 -35.97 21.09
C LYS A 452 -1.37 -36.97 20.50
N LYS A 453 -0.10 -36.93 20.92
CA LYS A 453 0.93 -37.90 20.55
C LYS A 453 1.10 -37.99 19.03
N ILE A 454 1.34 -36.86 18.39
CA ILE A 454 1.58 -36.78 16.95
C ILE A 454 3.06 -36.46 16.73
N PRO A 455 3.75 -37.21 15.85
CA PRO A 455 5.23 -37.35 15.93
C PRO A 455 6.06 -36.07 16.02
N LEU A 456 5.73 -34.99 15.29
CA LEU A 456 6.43 -33.70 15.35
C LEU A 456 7.73 -33.68 14.54
N GLY A 457 8.39 -34.82 14.37
CA GLY A 457 9.61 -34.85 13.58
C GLY A 457 10.56 -35.99 13.87
N LYS B 4 20.10 -22.75 -20.78
CA LYS B 4 19.30 -21.58 -20.44
C LYS B 4 18.49 -21.10 -21.65
N LYS B 5 17.85 -22.06 -22.32
CA LYS B 5 17.08 -21.80 -23.52
C LYS B 5 15.70 -21.26 -23.16
N MET B 6 15.31 -20.07 -23.77
CA MET B 6 14.06 -19.57 -23.23
C MET B 6 12.86 -20.12 -24.00
N PRO B 7 11.72 -20.24 -23.33
CA PRO B 7 10.53 -20.79 -23.97
C PRO B 7 10.04 -19.93 -25.13
N GLN B 8 9.23 -20.55 -25.99
CA GLN B 8 8.64 -19.87 -27.13
C GLN B 8 7.28 -20.48 -27.41
N PRO B 9 6.26 -19.67 -27.68
CA PRO B 9 4.93 -20.22 -27.94
C PRO B 9 4.83 -20.89 -29.30
N LYS B 10 3.64 -21.39 -29.62
CA LYS B 10 3.42 -22.16 -30.83
C LYS B 10 3.70 -21.32 -32.08
N THR B 11 4.12 -22.01 -33.14
CA THR B 11 4.58 -21.37 -34.36
C THR B 11 3.66 -21.71 -35.54
N PHE B 12 3.79 -20.91 -36.60
CA PHE B 12 2.93 -20.98 -37.78
C PHE B 12 3.77 -21.07 -39.05
N GLY B 13 4.64 -22.07 -39.14
CA GLY B 13 5.47 -22.19 -40.33
C GLY B 13 6.46 -21.04 -40.38
N GLU B 14 6.62 -20.45 -41.57
CA GLU B 14 7.57 -19.37 -41.72
C GLU B 14 7.03 -18.03 -41.23
N LEU B 15 5.79 -17.96 -40.77
CA LEU B 15 5.29 -16.78 -40.08
C LEU B 15 5.64 -16.77 -38.60
N LYS B 16 6.30 -17.83 -38.11
CA LYS B 16 6.81 -17.93 -36.73
C LYS B 16 5.64 -17.70 -35.77
N ASN B 17 5.74 -16.75 -34.84
CA ASN B 17 4.68 -16.53 -33.86
C ASN B 17 3.70 -15.43 -34.27
N LEU B 18 3.95 -14.73 -35.37
CA LEU B 18 3.19 -13.52 -35.69
C LEU B 18 1.67 -13.71 -35.69
N PRO B 19 1.10 -14.79 -36.24
CA PRO B 19 -0.37 -14.92 -36.20
C PRO B 19 -0.96 -14.97 -34.80
N LEU B 20 -0.16 -15.22 -33.77
CA LEU B 20 -0.68 -15.15 -32.40
C LEU B 20 -1.18 -13.75 -32.05
N LEU B 21 -0.74 -12.74 -32.79
CA LEU B 21 -1.16 -11.36 -32.57
C LEU B 21 -2.27 -10.91 -33.50
N ASN B 22 -2.68 -11.76 -34.46
CA ASN B 22 -3.86 -11.47 -35.28
C ASN B 22 -5.10 -11.87 -34.47
N THR B 23 -5.34 -11.11 -33.42
CA THR B 23 -6.45 -11.33 -32.49
C THR B 23 -6.98 -9.97 -32.06
N ASP B 24 -8.26 -9.94 -31.67
CA ASP B 24 -8.82 -8.72 -31.11
C ASP B 24 -8.19 -8.34 -29.77
N LYS B 25 -7.55 -9.29 -29.09
CA LYS B 25 -7.08 -9.10 -27.72
C LYS B 25 -5.66 -9.63 -27.58
N PRO B 26 -4.68 -8.95 -28.20
CA PRO B 26 -3.30 -9.49 -28.17
C PRO B 26 -2.65 -9.52 -26.80
N VAL B 27 -2.85 -8.48 -25.98
CA VAL B 27 -2.18 -8.44 -24.69
C VAL B 27 -2.69 -9.55 -23.77
N GLN B 28 -4.01 -9.77 -23.76
CA GLN B 28 -4.54 -10.87 -22.96
C GLN B 28 -4.08 -12.22 -23.50
N ALA B 29 -3.85 -12.34 -24.80
CA ALA B 29 -3.25 -13.56 -25.35
C ALA B 29 -1.84 -13.74 -24.83
N LEU B 30 -1.03 -12.67 -24.87
CA LEU B 30 0.33 -12.76 -24.35
C LEU B 30 0.35 -13.03 -22.85
N MET B 31 -0.64 -12.52 -22.12
CA MET B 31 -0.72 -12.80 -20.69
C MET B 31 -0.92 -14.30 -20.44
N LYS B 32 -1.78 -14.95 -21.25
CA LYS B 32 -1.96 -16.38 -21.08
C LYS B 32 -0.71 -17.14 -21.50
N ILE B 33 0.00 -16.66 -22.53
CA ILE B 33 1.27 -17.27 -22.88
C ILE B 33 2.26 -17.12 -21.73
N ALA B 34 2.27 -15.95 -21.09
CA ALA B 34 3.14 -15.73 -19.94
C ALA B 34 2.83 -16.70 -18.82
N ASP B 35 1.54 -16.93 -18.55
CA ASP B 35 1.16 -17.90 -17.53
C ASP B 35 1.73 -19.28 -17.83
N GLU B 36 1.63 -19.72 -19.09
CA GLU B 36 2.12 -21.04 -19.47
C GLU B 36 3.63 -21.12 -19.39
N LEU B 37 4.34 -20.09 -19.87
CA LEU B 37 5.77 -20.21 -20.13
C LEU B 37 6.65 -19.56 -19.08
N GLY B 38 6.13 -18.64 -18.29
CA GLY B 38 6.87 -18.08 -17.17
C GLY B 38 7.40 -16.68 -17.43
N GLU B 39 8.50 -16.37 -16.74
CA GLU B 39 8.95 -14.99 -16.61
C GLU B 39 9.55 -14.44 -17.89
N ILE B 40 9.95 -15.29 -18.84
CA ILE B 40 10.55 -14.82 -20.08
C ILE B 40 10.18 -15.78 -21.19
N PHE B 41 9.88 -15.24 -22.37
CA PHE B 41 9.64 -16.09 -23.53
C PHE B 41 9.93 -15.32 -24.81
N LYS B 42 10.44 -16.05 -25.81
CA LYS B 42 10.85 -15.46 -27.08
C LYS B 42 9.68 -15.42 -28.04
N PHE B 43 9.55 -14.29 -28.72
CA PHE B 43 8.47 -14.10 -29.71
C PHE B 43 9.11 -13.73 -31.04
N GLU B 44 9.05 -14.63 -32.02
CA GLU B 44 9.67 -14.35 -33.32
C GLU B 44 8.60 -14.00 -34.35
N ALA B 45 9.00 -13.21 -35.34
CA ALA B 45 8.17 -12.83 -36.51
C ALA B 45 9.09 -12.72 -37.73
N PRO B 46 8.56 -12.63 -38.96
CA PRO B 46 9.43 -12.52 -40.12
C PRO B 46 10.38 -11.32 -39.96
N GLY B 47 11.67 -11.61 -39.77
CA GLY B 47 12.70 -10.56 -39.66
C GLY B 47 12.69 -9.78 -38.35
N ARG B 48 11.96 -10.23 -37.34
CA ARG B 48 11.94 -9.47 -36.06
C ARG B 48 11.82 -10.45 -34.89
N VAL B 49 12.52 -10.15 -33.79
CA VAL B 49 12.52 -11.01 -32.57
C VAL B 49 12.38 -10.12 -31.33
N THR B 50 11.54 -10.55 -30.38
CA THR B 50 11.38 -9.81 -29.11
C THR B 50 11.27 -10.81 -27.95
N ARG B 51 11.56 -10.37 -26.74
CA ARG B 51 11.47 -11.24 -25.53
C ARG B 51 10.51 -10.57 -24.55
N TYR B 52 9.48 -11.31 -24.13
CA TYR B 52 8.45 -10.77 -23.20
C TYR B 52 8.86 -11.07 -21.75
N LEU B 53 8.98 -10.03 -20.93
CA LEU B 53 9.34 -10.15 -19.50
C LEU B 53 8.08 -10.03 -18.66
N SER B 54 7.96 -10.88 -17.64
CA SER B 54 6.81 -10.89 -16.74
C SER B 54 7.16 -10.85 -15.25
N SER B 55 8.41 -11.07 -14.87
CA SER B 55 8.77 -11.12 -13.45
C SER B 55 9.41 -9.82 -13.00
N GLN B 56 9.16 -9.47 -11.75
CA GLN B 56 9.85 -8.33 -11.15
C GLN B 56 11.35 -8.53 -11.17
N ARG B 57 11.81 -9.77 -11.01
CA ARG B 57 13.24 -10.07 -11.02
C ARG B 57 13.90 -9.58 -12.31
N LEU B 58 13.31 -9.90 -13.45
CA LEU B 58 13.90 -9.52 -14.73
C LEU B 58 13.55 -8.10 -15.14
N ILE B 59 12.34 -7.65 -14.81
CA ILE B 59 11.93 -6.30 -15.21
C ILE B 59 12.71 -5.25 -14.45
N LYS B 60 13.10 -5.54 -13.21
CA LYS B 60 13.95 -4.65 -12.44
C LYS B 60 15.28 -4.40 -13.16
N GLU B 61 15.88 -5.44 -13.73
CA GLU B 61 17.09 -5.25 -14.53
C GLU B 61 16.79 -4.50 -15.82
N ALA B 62 15.69 -4.85 -16.49
CA ALA B 62 15.32 -4.18 -17.73
C ALA B 62 15.15 -2.67 -17.54
N CYS B 63 14.76 -2.25 -16.34
CA CYS B 63 14.56 -0.84 -16.03
C CYS B 63 15.83 -0.11 -15.64
N ASP B 64 16.99 -0.78 -15.67
CA ASP B 64 18.28 -0.14 -15.45
C ASP B 64 18.61 0.68 -16.70
N GLU B 65 18.55 2.00 -16.58
CA GLU B 65 18.72 2.88 -17.73
C GLU B 65 20.15 2.92 -18.25
N SER B 66 21.12 2.43 -17.47
CA SER B 66 22.48 2.31 -17.98
C SER B 66 22.62 1.14 -18.93
N ARG B 67 21.67 0.22 -18.95
CA ARG B 67 21.73 -0.98 -19.77
C ARG B 67 20.67 -1.04 -20.85
N PHE B 68 19.52 -0.39 -20.64
CA PHE B 68 18.39 -0.48 -21.56
C PHE B 68 17.77 0.89 -21.74
N ASP B 69 17.32 1.17 -22.96
CA ASP B 69 16.70 2.42 -23.33
C ASP B 69 15.35 2.12 -23.97
N LYS B 70 14.49 3.13 -24.03
CA LYS B 70 13.18 2.96 -24.64
C LYS B 70 13.30 2.58 -26.11
N ASN B 71 12.55 1.56 -26.51
CA ASN B 71 12.40 1.19 -27.91
C ASN B 71 11.02 1.59 -28.41
N LEU B 72 10.96 2.02 -29.67
CA LEU B 72 9.69 2.26 -30.35
C LEU B 72 9.27 0.97 -31.06
N SER B 73 8.25 0.31 -30.53
CA SER B 73 7.69 -0.86 -31.18
C SER B 73 7.13 -0.48 -32.55
N GLN B 74 6.77 -1.51 -33.34
CA GLN B 74 6.31 -1.23 -34.69
C GLN B 74 5.02 -0.43 -34.69
N ALA B 75 4.13 -0.69 -33.72
CA ALA B 75 2.94 0.14 -33.57
C ALA B 75 3.33 1.60 -33.37
N TYR B 76 4.26 1.85 -32.43
CA TYR B 76 4.75 3.20 -32.20
C TYR B 76 5.31 3.82 -33.48
N LYS B 77 6.04 3.02 -34.27
CA LYS B 77 6.63 3.54 -35.50
C LYS B 77 5.57 4.01 -36.49
N PHE B 78 4.43 3.30 -36.55
CA PHE B 78 3.33 3.75 -37.40
C PHE B 78 2.65 4.99 -36.83
N VAL B 79 2.41 5.00 -35.51
CA VAL B 79 1.82 6.17 -34.88
C VAL B 79 2.67 7.41 -35.11
N ARG B 80 3.99 7.24 -35.20
CA ARG B 80 4.89 8.38 -35.45
C ARG B 80 4.54 9.11 -36.74
N ASP B 81 3.78 8.48 -37.65
CA ASP B 81 3.39 9.16 -38.88
C ASP B 81 2.45 10.32 -38.66
N PHE B 82 1.77 10.40 -37.52
CA PHE B 82 1.03 11.61 -37.16
C PHE B 82 1.38 12.18 -35.80
N ALA B 83 2.08 11.44 -34.93
CA ALA B 83 2.59 12.03 -33.70
C ALA B 83 4.02 12.54 -33.85
N GLY B 84 4.69 12.23 -34.96
CA GLY B 84 5.98 12.83 -35.28
C GLY B 84 7.02 12.57 -34.21
N ASP B 85 7.87 13.57 -33.96
CA ASP B 85 8.82 13.48 -32.86
C ASP B 85 8.30 14.18 -31.61
N GLY B 86 7.01 14.02 -31.32
CA GLY B 86 6.49 14.32 -30.00
C GLY B 86 7.16 13.43 -28.96
N LEU B 87 6.85 13.70 -27.70
CA LEU B 87 7.55 13.04 -26.60
C LEU B 87 7.41 11.53 -26.67
N GLY B 88 6.22 11.02 -27.02
CA GLY B 88 5.96 9.59 -26.91
C GLY B 88 6.58 8.76 -28.02
N THR B 89 6.79 9.36 -29.21
CA THR B 89 7.30 8.63 -30.36
C THR B 89 8.69 9.12 -30.77
N SER B 90 9.41 9.74 -29.86
CA SER B 90 10.78 10.17 -30.06
C SER B 90 11.73 9.15 -29.44
N TRP B 91 12.89 8.97 -30.07
CA TRP B 91 13.95 8.21 -29.42
C TRP B 91 14.66 9.11 -28.41
N THR B 92 15.18 8.48 -27.35
CA THR B 92 15.80 9.24 -26.27
C THR B 92 16.98 10.07 -26.76
N HIS B 93 17.70 9.59 -27.77
CA HIS B 93 18.87 10.28 -28.29
C HIS B 93 18.54 11.36 -29.31
N GLU B 94 17.27 11.53 -29.69
CA GLU B 94 16.88 12.59 -30.61
C GLU B 94 16.86 13.93 -29.88
N LYS B 95 17.43 14.97 -30.52
CA LYS B 95 17.50 16.29 -29.90
C LYS B 95 16.15 16.76 -29.38
N ASN B 96 15.09 16.55 -30.17
CA ASN B 96 13.77 17.04 -29.77
C ASN B 96 13.18 16.30 -28.57
N TRP B 97 13.68 15.12 -28.19
CA TRP B 97 13.11 14.48 -27.01
C TRP B 97 13.49 15.25 -25.75
N LYS B 98 14.80 15.35 -25.48
CA LYS B 98 15.25 16.00 -24.25
C LYS B 98 14.89 17.46 -24.24
N LYS B 99 14.88 18.09 -25.41
CA LYS B 99 14.45 19.48 -25.54
C LYS B 99 13.01 19.65 -25.06
N ALA B 100 12.08 18.87 -25.61
CA ALA B 100 10.69 18.98 -25.20
C ALA B 100 10.49 18.50 -23.78
N HIS B 101 11.21 17.45 -23.38
CA HIS B 101 11.08 16.92 -22.03
C HIS B 101 11.49 17.98 -21.00
N ASN B 102 12.60 18.69 -21.26
CA ASN B 102 13.03 19.74 -20.33
C ASN B 102 12.01 20.87 -20.28
N ILE B 103 11.45 21.24 -21.43
CA ILE B 103 10.50 22.35 -21.48
C ILE B 103 9.20 21.97 -20.79
N LEU B 104 8.73 20.73 -21.01
CA LEU B 104 7.38 20.35 -20.59
C LEU B 104 7.32 19.84 -19.16
N LEU B 105 8.41 19.33 -18.62
CA LEU B 105 8.38 18.76 -17.28
C LEU B 105 7.81 19.71 -16.22
N PRO B 106 8.17 21.01 -16.19
CA PRO B 106 7.54 21.90 -15.20
C PRO B 106 6.05 22.08 -15.40
N SER B 107 5.53 21.91 -16.61
CA SER B 107 4.10 22.04 -16.84
C SER B 107 3.31 20.80 -16.46
N PHE B 108 3.98 19.73 -16.01
CA PHE B 108 3.29 18.50 -15.64
C PHE B 108 3.53 18.12 -14.19
N SER B 109 4.13 19.00 -13.40
CA SER B 109 4.42 18.71 -12.01
C SER B 109 3.14 18.70 -11.19
N GLN B 110 3.24 18.10 -9.99
CA GLN B 110 2.16 18.22 -9.02
C GLN B 110 1.79 19.67 -8.80
N GLN B 111 2.79 20.56 -8.70
CA GLN B 111 2.51 21.98 -8.49
C GLN B 111 1.76 22.57 -9.67
N ALA B 112 2.07 22.12 -10.89
CA ALA B 112 1.35 22.63 -12.07
C ALA B 112 -0.09 22.19 -12.11
N MET B 113 -0.45 21.12 -11.40
CA MET B 113 -1.85 20.67 -11.39
C MET B 113 -2.77 21.70 -10.76
N LYS B 114 -2.25 22.54 -9.86
CA LYS B 114 -3.07 23.60 -9.30
C LYS B 114 -3.65 24.49 -10.38
N GLY B 115 -2.90 24.69 -11.46
CA GLY B 115 -3.35 25.56 -12.54
C GLY B 115 -4.37 24.93 -13.47
N TYR B 116 -4.31 23.61 -13.65
CA TYR B 116 -5.28 22.91 -14.48
C TYR B 116 -6.56 22.57 -13.73
N HIS B 117 -6.56 22.67 -12.40
CA HIS B 117 -7.65 22.15 -11.59
C HIS B 117 -9.00 22.73 -11.99
N ALA B 118 -9.08 24.07 -12.13
CA ALA B 118 -10.36 24.71 -12.40
C ALA B 118 -10.98 24.22 -13.70
N MET B 119 -10.15 23.95 -14.72
CA MET B 119 -10.69 23.44 -15.98
C MET B 119 -11.00 21.94 -15.91
N MET B 120 -10.24 21.18 -15.11
CA MET B 120 -10.66 19.81 -14.83
C MET B 120 -12.04 19.78 -14.17
N VAL B 121 -12.28 20.71 -13.24
CA VAL B 121 -13.58 20.78 -12.56
C VAL B 121 -14.68 21.11 -13.57
N ASP B 122 -14.38 22.01 -14.52
CA ASP B 122 -15.35 22.40 -15.53
C ASP B 122 -15.89 21.19 -16.28
N ILE B 123 -15.02 20.27 -16.69
CA ILE B 123 -15.50 19.11 -17.43
C ILE B 123 -16.15 18.11 -16.48
N ALA B 124 -15.59 17.94 -15.28
CA ALA B 124 -16.18 17.01 -14.31
C ALA B 124 -17.58 17.43 -13.93
N VAL B 125 -17.81 18.74 -13.77
CA VAL B 125 -19.16 19.22 -13.47
C VAL B 125 -20.12 18.85 -14.60
N GLN B 126 -19.66 18.97 -15.85
CA GLN B 126 -20.50 18.55 -16.98
C GLN B 126 -20.84 17.07 -16.90
N LEU B 127 -19.87 16.23 -16.50
CA LEU B 127 -20.15 14.81 -16.35
C LEU B 127 -21.22 14.58 -15.28
N VAL B 128 -21.04 15.16 -14.10
CA VAL B 128 -21.99 14.95 -13.02
C VAL B 128 -23.36 15.48 -13.42
N GLN B 129 -23.39 16.64 -14.09
CA GLN B 129 -24.66 17.23 -14.51
C GLN B 129 -25.38 16.32 -15.51
N LYS B 130 -24.63 15.70 -16.42
CA LYS B 130 -25.25 14.76 -17.35
C LYS B 130 -25.93 13.63 -16.61
N TRP B 131 -25.25 13.07 -15.61
CA TRP B 131 -25.81 11.93 -14.89
C TRP B 131 -26.95 12.34 -13.97
N GLU B 132 -26.88 13.55 -13.39
CA GLU B 132 -28.02 14.07 -12.62
C GLU B 132 -29.27 14.13 -13.48
N ARG B 133 -29.11 14.38 -14.79
CA ARG B 133 -30.22 14.69 -15.67
C ARG B 133 -30.80 13.47 -16.38
N LEU B 134 -30.28 12.27 -16.13
CA LEU B 134 -30.85 11.08 -16.72
C LEU B 134 -32.19 10.77 -16.05
N ASN B 135 -33.07 10.12 -16.81
CA ASN B 135 -34.38 9.72 -16.32
C ASN B 135 -34.28 8.37 -15.58
N ALA B 136 -35.35 8.03 -14.86
CA ALA B 136 -35.31 6.87 -13.97
C ALA B 136 -34.98 5.59 -14.72
N ASP B 137 -35.50 5.43 -15.94
CA ASP B 137 -35.29 4.17 -16.65
C ASP B 137 -33.87 4.01 -17.16
N GLU B 138 -33.10 5.09 -17.24
CA GLU B 138 -31.93 5.13 -18.09
C GLU B 138 -30.66 4.68 -17.35
N HIS B 139 -29.61 4.43 -18.13
CA HIS B 139 -28.34 3.91 -17.61
C HIS B 139 -27.18 4.67 -18.23
N ILE B 140 -25.99 4.37 -17.73
CA ILE B 140 -24.76 5.06 -18.12
C ILE B 140 -23.87 4.10 -18.90
N GLU B 141 -23.33 4.57 -20.03
CA GLU B 141 -22.30 3.86 -20.78
C GLU B 141 -20.97 4.41 -20.27
N VAL B 142 -20.29 3.63 -19.43
CA VAL B 142 -19.23 4.17 -18.59
C VAL B 142 -17.99 4.55 -19.41
N PRO B 143 -17.34 3.66 -20.16
CA PRO B 143 -16.14 4.09 -20.89
C PRO B 143 -16.43 5.16 -21.92
N GLU B 144 -17.67 5.21 -22.44
CA GLU B 144 -18.04 6.24 -23.40
C GLU B 144 -18.05 7.62 -22.75
N ASP B 145 -18.66 7.73 -21.57
CA ASP B 145 -18.68 9.01 -20.87
C ASP B 145 -17.32 9.35 -20.26
N MET B 146 -16.56 8.34 -19.82
CA MET B 146 -15.21 8.62 -19.32
C MET B 146 -14.33 9.16 -20.44
N THR B 147 -14.51 8.66 -21.67
CA THR B 147 -13.74 9.13 -22.80
C THR B 147 -14.16 10.53 -23.23
N ARG B 148 -15.47 10.83 -23.16
CA ARG B 148 -15.90 12.21 -23.35
C ARG B 148 -15.22 13.14 -22.37
N LEU B 149 -15.16 12.73 -21.09
CA LEU B 149 -14.57 13.57 -20.06
C LEU B 149 -13.07 13.76 -20.29
N THR B 150 -12.35 12.68 -20.56
CA THR B 150 -10.89 12.80 -20.63
C THR B 150 -10.44 13.53 -21.89
N LEU B 151 -11.15 13.33 -23.01
CA LEU B 151 -10.82 14.09 -24.22
C LEU B 151 -11.07 15.58 -24.01
N ASP B 152 -12.24 15.94 -23.47
CA ASP B 152 -12.53 17.36 -23.24
C ASP B 152 -11.56 17.97 -22.22
N THR B 153 -11.17 17.21 -21.22
CA THR B 153 -10.27 17.74 -20.20
C THR B 153 -8.89 18.02 -20.79
N ILE B 154 -8.37 17.10 -21.60
CA ILE B 154 -7.06 17.34 -22.21
C ILE B 154 -7.15 18.44 -23.26
N GLY B 155 -8.29 18.54 -23.95
CA GLY B 155 -8.45 19.64 -24.90
C GLY B 155 -8.47 20.99 -24.22
N LEU B 156 -9.19 21.09 -23.10
CA LEU B 156 -9.29 22.35 -22.37
C LEU B 156 -7.98 22.71 -21.68
N CYS B 157 -7.42 21.77 -20.92
CA CYS B 157 -6.16 22.05 -20.23
C CYS B 157 -4.98 22.03 -21.20
N GLY B 158 -5.09 21.33 -22.31
CA GLY B 158 -3.99 21.23 -23.24
C GLY B 158 -3.83 22.46 -24.11
N PHE B 159 -4.94 22.91 -24.73
CA PHE B 159 -4.85 24.07 -25.61
C PHE B 159 -6.15 24.88 -25.64
N ASN B 160 -6.86 24.93 -24.52
CA ASN B 160 -8.03 25.80 -24.34
C ASN B 160 -9.02 25.66 -25.50
N TYR B 161 -9.20 24.42 -25.95
CA TYR B 161 -10.15 24.08 -27.00
C TYR B 161 -11.23 23.19 -26.41
N ARG B 162 -12.49 23.47 -26.75
CA ARG B 162 -13.62 22.71 -26.23
C ARG B 162 -14.12 21.77 -27.32
N PHE B 163 -13.86 20.48 -27.14
CA PHE B 163 -14.44 19.48 -28.04
C PHE B 163 -15.93 19.32 -27.82
N ASN B 164 -16.43 19.77 -26.67
CA ASN B 164 -17.85 19.73 -26.33
C ASN B 164 -18.45 18.34 -26.55
N SER B 165 -17.75 17.32 -26.04
CA SER B 165 -18.16 15.94 -26.24
C SER B 165 -19.48 15.62 -25.56
N PHE B 166 -19.82 16.32 -24.49
CA PHE B 166 -21.08 16.07 -23.81
C PHE B 166 -22.24 16.72 -24.53
N TYR B 167 -22.00 17.43 -25.63
CA TYR B 167 -23.05 18.01 -26.45
C TYR B 167 -23.33 17.20 -27.70
N ARG B 168 -22.70 16.03 -27.83
CA ARG B 168 -22.67 15.33 -29.12
C ARG B 168 -22.83 13.83 -28.88
N ASP B 169 -23.25 13.13 -29.93
CA ASP B 169 -23.17 11.67 -29.96
C ASP B 169 -22.05 11.16 -30.85
N GLN B 170 -21.94 11.66 -32.09
CA GLN B 170 -20.73 11.29 -32.82
C GLN B 170 -19.68 12.38 -32.62
N PRO B 171 -18.46 12.03 -32.25
CA PRO B 171 -17.54 13.05 -31.69
C PRO B 171 -17.14 14.09 -32.71
N HIS B 172 -16.45 15.11 -32.20
CA HIS B 172 -15.79 16.15 -32.97
C HIS B 172 -15.03 15.54 -34.14
N PRO B 173 -15.02 16.20 -35.30
CA PRO B 173 -14.26 15.65 -36.44
C PRO B 173 -12.81 15.34 -36.13
N PHE B 174 -12.16 16.15 -35.28
CA PHE B 174 -10.79 15.85 -34.89
C PHE B 174 -10.71 14.50 -34.20
N ILE B 175 -11.62 14.23 -33.26
CA ILE B 175 -11.57 12.97 -32.53
C ILE B 175 -11.83 11.81 -33.48
N THR B 176 -12.76 11.98 -34.42
CA THR B 176 -13.04 10.94 -35.39
C THR B 176 -11.79 10.56 -36.16
N SER B 177 -11.05 11.55 -36.66
CA SER B 177 -9.87 11.28 -37.45
C SER B 177 -8.78 10.62 -36.62
N MET B 178 -8.60 11.07 -35.38
CA MET B 178 -7.53 10.53 -34.54
C MET B 178 -7.77 9.05 -34.24
N VAL B 179 -8.98 8.70 -33.83
CA VAL B 179 -9.28 7.31 -33.51
C VAL B 179 -9.09 6.42 -34.74
N ARG B 180 -9.56 6.88 -35.89
CA ARG B 180 -9.42 6.09 -37.11
C ARG B 180 -7.96 6.02 -37.56
N ALA B 181 -7.19 7.07 -37.29
CA ALA B 181 -5.75 7.07 -37.63
C ALA B 181 -5.03 6.06 -36.74
N LEU B 182 -5.37 6.03 -35.45
CA LEU B 182 -4.73 5.07 -34.52
C LEU B 182 -5.14 3.65 -34.91
N ASP B 183 -6.41 3.49 -35.30
CA ASP B 183 -6.95 2.16 -35.70
C ASP B 183 -6.18 1.68 -36.93
N GLU B 184 -5.97 2.58 -37.90
CA GLU B 184 -5.25 2.22 -39.15
C GLU B 184 -3.80 1.85 -38.82
N ALA B 185 -3.17 2.56 -37.89
CA ALA B 185 -1.78 2.26 -37.51
C ALA B 185 -1.71 0.86 -36.90
N MET B 186 -2.69 0.51 -36.08
CA MET B 186 -2.74 -0.81 -35.41
C MET B 186 -3.07 -1.91 -36.44
N ASN B 187 -3.92 -1.58 -37.42
CA ASN B 187 -4.31 -2.58 -38.46
C ASN B 187 -3.12 -2.85 -39.40
N LYS B 188 -2.22 -1.89 -39.57
CA LYS B 188 -1.04 -2.02 -40.48
C LYS B 188 -0.08 -3.14 -40.04
N LEU B 189 -0.01 -3.44 -38.75
CA LEU B 189 0.88 -4.50 -38.22
C LEU B 189 0.60 -5.82 -38.94
N GLN B 190 -0.60 -6.38 -38.76
CA GLN B 190 -1.00 -7.71 -39.33
C GLN B 190 -1.17 -7.66 -40.84
N ARG B 191 -1.42 -6.49 -41.43
CA ARG B 191 -1.60 -6.41 -42.91
C ARG B 191 -0.25 -6.65 -43.61
N ALA B 192 -0.24 -7.53 -44.62
CA ALA B 192 0.99 -7.88 -45.39
C ALA B 192 0.90 -7.27 -46.79
N ASN B 193 2.07 -7.04 -47.41
CA ASN B 193 2.19 -6.39 -48.75
C ASN B 193 1.44 -5.05 -48.70
N PRO B 194 1.97 -4.03 -47.98
CA PRO B 194 1.29 -2.73 -47.85
C PRO B 194 1.18 -1.87 -49.11
N ASP B 195 1.88 -2.22 -50.19
CA ASP B 195 1.79 -1.43 -51.45
C ASP B 195 0.73 -2.04 -52.37
N ASP B 196 -0.02 -3.03 -51.88
CA ASP B 196 -1.12 -3.66 -52.64
C ASP B 196 -2.23 -2.62 -52.81
N ASP B 200 -5.42 2.43 -52.96
CA ASP B 200 -5.82 1.82 -51.66
C ASP B 200 -6.57 2.87 -50.82
N GLU B 201 -7.77 2.52 -50.38
CA GLU B 201 -8.66 3.44 -49.62
C GLU B 201 -8.10 3.70 -48.22
N ASN B 202 -7.46 2.70 -47.63
CA ASN B 202 -6.91 2.85 -46.25
C ASN B 202 -5.91 4.01 -46.19
N LYS B 203 -5.00 4.09 -47.17
CA LYS B 203 -3.96 5.14 -47.18
C LYS B 203 -4.56 6.51 -47.47
N ARG B 204 -5.55 6.59 -48.36
CA ARG B 204 -6.18 7.90 -48.66
C ARG B 204 -6.84 8.44 -47.40
N GLN B 205 -7.56 7.59 -46.68
CA GLN B 205 -8.28 7.98 -45.44
C GLN B 205 -7.25 8.38 -44.37
N PHE B 206 -6.12 7.68 -44.33
CA PHE B 206 -5.03 7.98 -43.36
C PHE B 206 -4.59 9.42 -43.54
N GLN B 207 -4.21 9.76 -44.78
CA GLN B 207 -3.71 11.12 -45.10
C GLN B 207 -4.81 12.16 -44.81
N GLU B 208 -6.06 11.81 -45.06
CA GLU B 208 -7.20 12.73 -44.80
C GLU B 208 -7.28 12.98 -43.28
N ASP B 209 -7.19 11.91 -42.49
CA ASP B 209 -7.27 12.00 -41.01
C ASP B 209 -6.05 12.76 -40.47
N ILE B 210 -4.89 12.54 -41.06
CA ILE B 210 -3.66 13.27 -40.62
C ILE B 210 -3.88 14.76 -40.88
N LYS B 211 -4.43 15.10 -42.05
CA LYS B 211 -4.65 16.52 -42.42
C LYS B 211 -5.68 17.15 -41.47
N VAL B 212 -6.74 16.41 -41.14
CA VAL B 212 -7.78 16.96 -40.22
C VAL B 212 -7.11 17.35 -38.90
N MET B 213 -6.28 16.46 -38.35
CA MET B 213 -5.60 16.73 -37.07
C MET B 213 -4.64 17.91 -37.24
N ASN B 214 -3.84 17.90 -38.30
CA ASN B 214 -2.85 18.96 -38.46
C ASN B 214 -3.50 20.31 -38.67
N ASP B 215 -4.52 20.37 -39.55
CA ASP B 215 -5.19 21.63 -39.85
C ASP B 215 -5.71 22.28 -38.57
N LEU B 216 -6.48 21.54 -37.78
CA LEU B 216 -7.08 22.11 -36.58
C LEU B 216 -6.02 22.57 -35.59
N VAL B 217 -5.03 21.71 -35.31
CA VAL B 217 -4.02 22.04 -34.31
C VAL B 217 -3.13 23.18 -34.81
N ASP B 218 -2.71 23.11 -36.07
CA ASP B 218 -1.84 24.16 -36.60
C ASP B 218 -2.53 25.52 -36.58
N LYS B 219 -3.84 25.55 -36.81
CA LYS B 219 -4.52 26.83 -36.80
C LYS B 219 -4.73 27.34 -35.38
N ILE B 220 -4.98 26.44 -34.42
CA ILE B 220 -5.06 26.89 -33.03
C ILE B 220 -3.73 27.48 -32.57
N ILE B 221 -2.62 26.84 -32.97
CA ILE B 221 -1.31 27.41 -32.68
C ILE B 221 -1.16 28.78 -33.33
N ALA B 222 -1.47 28.87 -34.63
CA ALA B 222 -1.43 30.15 -35.31
C ALA B 222 -2.33 31.17 -34.63
N ASP B 223 -3.58 30.79 -34.35
CA ASP B 223 -4.53 31.70 -33.71
C ASP B 223 -4.00 32.24 -32.39
N ARG B 224 -3.34 31.39 -31.60
CA ARG B 224 -2.84 31.85 -30.30
C ARG B 224 -1.66 32.79 -30.47
N LYS B 225 -0.79 32.51 -31.44
CA LYS B 225 0.30 33.43 -31.73
C LYS B 225 -0.24 34.78 -32.19
N ALA B 226 -1.27 34.76 -33.06
CA ALA B 226 -1.81 36.00 -33.59
C ALA B 226 -2.54 36.81 -32.53
N SER B 227 -3.05 36.16 -31.49
CA SER B 227 -3.76 36.89 -30.43
C SER B 227 -2.83 37.35 -29.32
N GLY B 228 -1.72 36.65 -29.09
CA GLY B 228 -0.89 36.93 -27.95
C GLY B 228 -1.52 36.61 -26.61
N GLU B 229 -2.62 35.85 -26.63
CA GLU B 229 -3.37 35.57 -25.41
C GLU B 229 -2.61 34.60 -24.52
N GLN B 230 -2.69 34.82 -23.21
CA GLN B 230 -1.99 34.02 -22.21
C GLN B 230 -3.03 33.25 -21.40
N SER B 231 -3.06 31.93 -21.58
CA SER B 231 -4.05 31.13 -20.88
C SER B 231 -3.36 30.05 -20.04
N ASP B 232 -4.17 29.30 -19.30
CA ASP B 232 -3.71 28.34 -18.30
C ASP B 232 -3.55 26.94 -18.89
N ASP B 233 -3.05 26.83 -20.12
CA ASP B 233 -2.98 25.56 -20.82
C ASP B 233 -1.55 25.22 -21.19
N LEU B 234 -1.36 23.98 -21.64
CA LEU B 234 -0.03 23.51 -22.02
C LEU B 234 0.51 24.27 -23.22
N LEU B 235 -0.37 24.68 -24.14
CA LEU B 235 0.09 25.39 -25.33
C LEU B 235 0.78 26.70 -24.96
N THR B 236 0.21 27.44 -24.01
CA THR B 236 0.84 28.68 -23.57
C THR B 236 2.26 28.43 -23.05
N HIS B 237 2.41 27.42 -22.19
CA HIS B 237 3.73 27.10 -21.66
C HIS B 237 4.70 26.72 -22.78
N MET B 238 4.20 26.06 -23.83
CA MET B 238 5.08 25.65 -24.93
C MET B 238 5.46 26.82 -25.83
N LEU B 239 4.62 27.85 -25.92
CA LEU B 239 5.01 29.02 -26.70
C LEU B 239 5.96 29.92 -25.94
N ASN B 240 5.90 29.90 -24.61
CA ASN B 240 6.74 30.73 -23.76
C ASN B 240 7.98 30.01 -23.22
N GLY B 241 8.14 28.72 -23.51
CA GLY B 241 9.18 27.94 -22.89
C GLY B 241 10.46 27.89 -23.70
N LYS B 242 11.59 27.86 -22.98
CA LYS B 242 12.90 27.64 -23.57
C LYS B 242 13.59 26.52 -22.82
N ASP B 243 14.22 25.62 -23.57
CA ASP B 243 14.98 24.52 -22.98
C ASP B 243 16.20 25.07 -22.25
N PRO B 244 16.33 24.85 -20.94
CA PRO B 244 17.52 25.35 -20.24
C PRO B 244 18.83 24.86 -20.80
N GLU B 245 18.86 23.63 -21.34
CA GLU B 245 20.12 23.07 -21.83
C GLU B 245 20.56 23.77 -23.12
N THR B 246 19.73 23.71 -24.16
CA THR B 246 20.07 24.32 -25.44
C THR B 246 19.73 25.79 -25.53
N GLY B 247 18.82 26.27 -24.68
CA GLY B 247 18.32 27.63 -24.81
C GLY B 247 17.34 27.82 -25.94
N GLU B 248 16.86 26.73 -26.57
CA GLU B 248 15.98 26.83 -27.71
C GLU B 248 14.53 26.53 -27.31
N PRO B 249 13.59 27.22 -27.96
CA PRO B 249 12.18 26.85 -27.81
C PRO B 249 11.79 25.75 -28.79
N LEU B 250 10.64 25.14 -28.51
CA LEU B 250 10.03 24.24 -29.49
C LEU B 250 9.51 25.06 -30.66
N ASP B 251 9.72 24.56 -31.87
CA ASP B 251 9.13 25.22 -33.03
C ASP B 251 7.68 24.78 -33.20
N ASP B 252 6.99 25.44 -34.14
CA ASP B 252 5.54 25.27 -34.27
C ASP B 252 5.17 23.86 -34.67
N GLU B 253 5.96 23.21 -35.51
CA GLU B 253 5.65 21.82 -35.88
C GLU B 253 5.67 20.92 -34.66
N ASN B 254 6.79 20.94 -33.92
CA ASN B 254 6.89 20.08 -32.74
C ASN B 254 5.79 20.39 -31.74
N ILE B 255 5.40 21.65 -31.61
CA ILE B 255 4.31 22.00 -30.71
C ILE B 255 3.03 21.28 -31.12
N ARG B 256 2.74 21.25 -32.43
CA ARG B 256 1.60 20.48 -32.93
C ARG B 256 1.73 19.01 -32.56
N TYR B 257 2.92 18.43 -32.81
CA TYR B 257 3.12 17.02 -32.48
C TYR B 257 2.95 16.76 -31.00
N GLN B 258 3.38 17.70 -30.15
CA GLN B 258 3.18 17.54 -28.71
C GLN B 258 1.69 17.53 -28.37
N ILE B 259 0.93 18.44 -28.96
CA ILE B 259 -0.51 18.50 -28.67
C ILE B 259 -1.20 17.24 -29.15
N ILE B 260 -0.88 16.79 -30.36
CA ILE B 260 -1.42 15.52 -30.85
C ILE B 260 -1.03 14.39 -29.90
N THR B 261 0.21 14.40 -29.41
CA THR B 261 0.69 13.36 -28.49
C THR B 261 -0.12 13.34 -27.20
N PHE B 262 -0.36 14.52 -26.60
CA PHE B 262 -1.10 14.54 -25.34
C PHE B 262 -2.47 13.89 -25.47
N LEU B 263 -3.13 14.11 -26.60
CA LEU B 263 -4.45 13.54 -26.83
C LEU B 263 -4.38 12.03 -27.00
N ILE B 264 -3.46 11.56 -27.84
CA ILE B 264 -3.27 10.12 -28.02
C ILE B 264 -2.87 9.46 -26.71
N ALA B 265 -1.93 10.07 -25.99
CA ALA B 265 -1.33 9.42 -24.84
C ALA B 265 -2.23 9.42 -23.61
N GLY B 266 -3.03 10.46 -23.43
CA GLY B 266 -3.76 10.61 -22.19
C GLY B 266 -5.21 10.18 -22.22
N HIS B 267 -5.90 10.42 -23.33
CA HIS B 267 -7.36 10.32 -23.32
C HIS B 267 -7.82 8.90 -23.05
N GLU B 268 -7.21 7.91 -23.71
CA GLU B 268 -7.69 6.54 -23.63
C GLU B 268 -7.25 5.86 -22.34
N THR B 269 -6.00 6.07 -21.92
CA THR B 269 -5.52 5.44 -20.71
C THR B 269 -6.28 5.94 -19.49
N THR B 270 -6.55 7.25 -19.42
CA THR B 270 -7.23 7.80 -18.25
C THR B 270 -8.68 7.38 -18.19
N SER B 271 -9.36 7.36 -19.34
CA SER B 271 -10.75 6.90 -19.36
C SER B 271 -10.83 5.43 -19.00
N GLY B 272 -9.90 4.63 -19.51
CA GLY B 272 -9.86 3.22 -19.14
C GLY B 272 -9.65 3.03 -17.65
N LEU B 273 -8.74 3.81 -17.06
CA LEU B 273 -8.52 3.74 -15.61
C LEU B 273 -9.80 4.03 -14.84
N LEU B 274 -10.48 5.14 -15.16
CA LEU B 274 -11.71 5.47 -14.47
C LEU B 274 -12.77 4.39 -14.66
N SER B 275 -12.83 3.81 -15.86
CA SER B 275 -13.83 2.78 -16.13
C SER B 275 -13.53 1.49 -15.38
N PHE B 276 -12.25 1.06 -15.38
CA PHE B 276 -11.87 -0.10 -14.58
C PHE B 276 -12.08 0.15 -13.10
N ALA B 277 -11.75 1.35 -12.63
CA ALA B 277 -11.94 1.67 -11.22
C ALA B 277 -13.40 1.53 -10.81
N LEU B 278 -14.30 2.16 -11.57
CA LEU B 278 -15.72 2.03 -11.26
C LEU B 278 -16.17 0.57 -11.34
N TYR B 279 -15.64 -0.18 -12.31
CA TYR B 279 -15.99 -1.60 -12.41
C TYR B 279 -15.63 -2.35 -11.13
N PHE B 280 -14.38 -2.20 -10.67
CA PHE B 280 -13.97 -2.91 -9.47
C PHE B 280 -14.76 -2.45 -8.25
N LEU B 281 -15.12 -1.16 -8.19
CA LEU B 281 -15.92 -0.69 -7.06
C LEU B 281 -17.29 -1.33 -7.03
N VAL B 282 -17.98 -1.40 -8.17
CA VAL B 282 -19.32 -1.99 -8.12
C VAL B 282 -19.25 -3.51 -7.92
N LYS B 283 -18.14 -4.15 -8.27
CA LYS B 283 -17.97 -5.57 -8.01
C LYS B 283 -17.48 -5.84 -6.59
N ASN B 284 -17.10 -4.81 -5.85
CA ASN B 284 -16.57 -4.97 -4.49
C ASN B 284 -17.22 -3.93 -3.58
N PRO B 285 -18.47 -4.16 -3.20
CA PRO B 285 -19.25 -3.10 -2.54
C PRO B 285 -18.68 -2.61 -1.21
N HIS B 286 -17.88 -3.42 -0.51
CA HIS B 286 -17.27 -2.93 0.72
C HIS B 286 -16.21 -1.88 0.41
N VAL B 287 -15.43 -2.09 -0.64
CA VAL B 287 -14.45 -1.10 -1.09
C VAL B 287 -15.15 0.16 -1.57
N LEU B 288 -16.26 0.00 -2.29
CA LEU B 288 -17.04 1.16 -2.72
C LEU B 288 -17.50 1.97 -1.52
N GLN B 289 -17.97 1.31 -0.47
CA GLN B 289 -18.43 2.04 0.71
C GLN B 289 -17.30 2.82 1.35
N LYS B 290 -16.10 2.23 1.42
CA LYS B 290 -14.94 2.92 1.98
C LYS B 290 -14.63 4.16 1.15
N ALA B 291 -14.56 4.01 -0.18
CA ALA B 291 -14.22 5.13 -1.04
C ALA B 291 -15.30 6.20 -1.00
N ALA B 292 -16.58 5.79 -0.95
CA ALA B 292 -17.66 6.76 -0.91
C ALA B 292 -17.71 7.50 0.42
N GLU B 293 -17.36 6.82 1.52
CA GLU B 293 -17.27 7.51 2.81
C GLU B 293 -16.20 8.60 2.76
N GLU B 294 -15.04 8.30 2.17
CA GLU B 294 -14.00 9.30 2.05
C GLU B 294 -14.47 10.48 1.20
N ALA B 295 -15.10 10.20 0.06
CA ALA B 295 -15.54 11.29 -0.82
C ALA B 295 -16.52 12.20 -0.09
N ALA B 296 -17.48 11.63 0.64
CA ALA B 296 -18.47 12.44 1.33
C ALA B 296 -17.84 13.25 2.46
N ARG B 297 -16.87 12.67 3.16
CA ARG B 297 -16.25 13.35 4.29
C ARG B 297 -15.30 14.46 3.84
N VAL B 298 -14.65 14.28 2.70
CA VAL B 298 -13.60 15.19 2.26
C VAL B 298 -14.14 16.29 1.34
N LEU B 299 -15.04 15.95 0.43
CA LEU B 299 -15.54 16.89 -0.58
C LEU B 299 -16.77 17.65 -0.04
N VAL B 300 -16.49 18.58 0.89
CA VAL B 300 -17.56 19.25 1.62
C VAL B 300 -18.14 20.46 0.91
N ASP B 301 -17.48 20.96 -0.13
CA ASP B 301 -17.94 22.11 -0.89
C ASP B 301 -18.53 21.68 -2.23
N PRO B 302 -19.42 22.48 -2.81
CA PRO B 302 -20.01 22.06 -4.10
C PRO B 302 -18.99 21.89 -5.21
N VAL B 303 -17.87 22.59 -5.12
CA VAL B 303 -16.75 22.48 -6.05
C VAL B 303 -15.57 21.90 -5.28
N PRO B 304 -15.00 20.78 -5.71
CA PRO B 304 -13.80 20.28 -5.02
C PRO B 304 -12.62 21.22 -5.22
N SER B 305 -11.87 21.44 -4.14
CA SER B 305 -10.63 22.20 -4.19
C SER B 305 -9.48 21.31 -4.64
N TYR B 306 -8.39 21.95 -5.08
CA TYR B 306 -7.16 21.21 -5.31
C TYR B 306 -6.69 20.51 -4.04
N LYS B 307 -6.74 21.21 -2.90
CA LYS B 307 -6.28 20.62 -1.65
C LYS B 307 -7.18 19.46 -1.22
N GLN B 308 -8.48 19.55 -1.50
CA GLN B 308 -9.38 18.45 -1.17
C GLN B 308 -9.03 17.19 -1.99
N VAL B 309 -8.76 17.35 -3.28
CA VAL B 309 -8.41 16.19 -4.11
C VAL B 309 -7.17 15.51 -3.56
N LYS B 310 -6.21 16.29 -3.07
CA LYS B 310 -5.00 15.71 -2.51
C LYS B 310 -5.30 14.89 -1.26
N GLN B 311 -6.44 15.14 -0.62
CA GLN B 311 -6.81 14.43 0.59
C GLN B 311 -7.60 13.16 0.35
N LEU B 312 -7.99 12.88 -0.90
CA LEU B 312 -8.73 11.67 -1.25
C LEU B 312 -7.77 10.48 -1.31
N LYS B 313 -7.24 10.13 -0.14
CA LYS B 313 -6.19 9.12 -0.08
C LYS B 313 -6.70 7.75 -0.52
N TYR B 314 -7.85 7.32 0.01
CA TYR B 314 -8.34 5.99 -0.33
C TYR B 314 -8.78 5.90 -1.79
N VAL B 315 -9.37 6.97 -2.32
CA VAL B 315 -9.65 7.00 -3.76
C VAL B 315 -8.37 6.82 -4.56
N GLY B 316 -7.28 7.46 -4.13
CA GLY B 316 -6.00 7.25 -4.77
C GLY B 316 -5.54 5.81 -4.72
N MET B 317 -5.77 5.14 -3.59
CA MET B 317 -5.39 3.73 -3.47
C MET B 317 -6.24 2.86 -4.40
N VAL B 318 -7.52 3.19 -4.53
CA VAL B 318 -8.41 2.49 -5.44
C VAL B 318 -7.90 2.59 -6.86
N LEU B 319 -7.45 3.78 -7.26
CA LEU B 319 -6.96 3.98 -8.61
C LEU B 319 -5.67 3.17 -8.85
N ASN B 320 -4.78 3.13 -7.86
CA ASN B 320 -3.54 2.39 -8.04
C ASN B 320 -3.81 0.89 -8.10
N GLU B 321 -4.78 0.41 -7.35
CA GLU B 321 -5.12 -1.02 -7.41
C GLU B 321 -5.78 -1.37 -8.74
N ALA B 322 -6.58 -0.47 -9.32
CA ALA B 322 -7.10 -0.70 -10.66
C ALA B 322 -5.98 -0.71 -11.69
N LEU B 323 -4.97 0.15 -11.53
CA LEU B 323 -3.83 0.15 -12.42
C LEU B 323 -2.95 -1.08 -12.21
N ARG B 324 -2.97 -1.67 -11.01
CA ARG B 324 -2.24 -2.91 -10.83
C ARG B 324 -2.87 -4.02 -11.67
N LEU B 325 -4.19 -4.21 -11.55
CA LEU B 325 -4.83 -5.32 -12.24
C LEU B 325 -4.87 -5.07 -13.74
N TRP B 326 -5.30 -3.89 -14.17
CA TRP B 326 -5.46 -3.59 -15.58
C TRP B 326 -4.79 -2.28 -15.95
N PRO B 327 -3.45 -2.27 -16.01
CA PRO B 327 -2.73 -1.08 -16.47
C PRO B 327 -3.08 -0.78 -17.92
N THR B 328 -3.63 0.42 -18.15
CA THR B 328 -4.35 0.67 -19.40
C THR B 328 -3.44 0.97 -20.59
N ALA B 329 -2.14 1.19 -20.35
CA ALA B 329 -1.12 1.10 -21.40
C ALA B 329 -0.26 -0.09 -21.00
N PRO B 330 -0.61 -1.30 -21.42
CA PRO B 330 -0.16 -2.51 -20.71
C PRO B 330 1.23 -3.00 -21.07
N ALA B 331 1.94 -2.37 -22.00
CA ALA B 331 3.26 -2.88 -22.33
C ALA B 331 4.14 -1.73 -22.79
N PHE B 332 5.45 -1.85 -22.53
CA PHE B 332 6.41 -0.94 -23.14
C PHE B 332 7.67 -1.70 -23.53
N SER B 333 8.41 -1.11 -24.46
CA SER B 333 9.46 -1.79 -25.20
C SER B 333 10.80 -1.17 -24.86
N LEU B 334 11.84 -2.01 -24.82
CA LEU B 334 13.20 -1.58 -24.52
C LEU B 334 14.16 -2.27 -25.47
N TYR B 335 15.33 -1.66 -25.66
CA TYR B 335 16.42 -2.31 -26.39
C TYR B 335 17.68 -2.25 -25.54
N ALA B 336 18.53 -3.27 -25.71
CA ALA B 336 19.79 -3.33 -25.00
C ALA B 336 20.79 -2.35 -25.61
N LYS B 337 21.32 -1.47 -24.76
CA LYS B 337 22.29 -0.48 -25.24
C LYS B 337 23.60 -1.14 -25.66
N GLU B 338 23.97 -2.24 -25.01
CA GLU B 338 25.17 -2.99 -25.32
C GLU B 338 24.88 -4.47 -25.08
N ASP B 339 25.80 -5.34 -25.51
CA ASP B 339 25.76 -6.72 -25.07
C ASP B 339 25.68 -6.77 -23.55
N THR B 340 24.82 -7.65 -23.05
CA THR B 340 24.62 -7.77 -21.61
C THR B 340 23.88 -9.08 -21.34
N VAL B 341 24.01 -9.58 -20.13
CA VAL B 341 23.37 -10.83 -19.73
C VAL B 341 22.26 -10.49 -18.75
N LEU B 342 21.06 -10.97 -19.05
CA LEU B 342 19.87 -10.66 -18.27
C LEU B 342 19.62 -11.76 -17.25
N GLY B 343 19.46 -11.38 -15.99
CA GLY B 343 19.12 -12.33 -14.95
C GLY B 343 20.15 -13.40 -14.67
N GLY B 344 21.37 -13.26 -15.20
CA GLY B 344 22.40 -14.25 -14.98
C GLY B 344 22.33 -15.47 -15.87
N GLU B 345 21.50 -15.45 -16.93
CA GLU B 345 21.31 -16.64 -17.74
C GLU B 345 20.81 -16.35 -19.15
N TYR B 346 20.42 -15.11 -19.43
CA TYR B 346 19.88 -14.75 -20.75
C TYR B 346 20.78 -13.70 -21.38
N PRO B 347 21.75 -14.12 -22.19
CA PRO B 347 22.63 -13.14 -22.84
C PRO B 347 21.88 -12.36 -23.92
N LEU B 348 22.16 -11.07 -24.00
CA LEU B 348 21.52 -10.20 -24.97
C LEU B 348 22.59 -9.49 -25.78
N GLU B 349 22.33 -9.37 -27.07
CA GLU B 349 23.20 -8.63 -27.98
C GLU B 349 22.72 -7.19 -28.05
N LYS B 350 23.67 -6.26 -28.27
CA LYS B 350 23.31 -4.85 -28.48
C LYS B 350 22.15 -4.74 -29.44
N GLY B 351 21.13 -3.97 -29.05
CA GLY B 351 19.97 -3.77 -29.88
C GLY B 351 18.83 -4.77 -29.69
N ASP B 352 19.05 -5.85 -28.95
CA ASP B 352 17.98 -6.81 -28.72
C ASP B 352 16.81 -6.13 -28.00
N GLU B 353 15.60 -6.50 -28.37
CA GLU B 353 14.40 -5.83 -27.88
C GLU B 353 13.74 -6.64 -26.77
N LEU B 354 13.25 -5.93 -25.75
CA LEU B 354 12.54 -6.48 -24.62
C LEU B 354 11.15 -5.85 -24.54
N MET B 355 10.16 -6.65 -24.17
CA MET B 355 8.80 -6.18 -23.91
C MET B 355 8.46 -6.41 -22.45
N VAL B 356 7.98 -5.37 -21.77
CA VAL B 356 7.56 -5.49 -20.39
C VAL B 356 6.05 -5.67 -20.38
N LEU B 357 5.58 -6.85 -19.97
CA LEU B 357 4.16 -7.17 -19.87
C LEU B 357 3.68 -6.70 -18.50
N ILE B 358 3.17 -5.45 -18.45
CA ILE B 358 2.83 -4.87 -17.14
C ILE B 358 1.78 -5.65 -16.38
N PRO B 359 0.68 -6.12 -16.98
CA PRO B 359 -0.31 -6.86 -16.17
C PRO B 359 0.26 -8.11 -15.53
N GLN B 360 1.27 -8.73 -16.18
CA GLN B 360 1.91 -9.90 -15.59
C GLN B 360 2.84 -9.51 -14.45
N LEU B 361 3.64 -8.45 -14.65
CA LEU B 361 4.45 -7.93 -13.55
C LEU B 361 3.61 -7.67 -12.30
N HIS B 362 2.42 -7.10 -12.50
CA HIS B 362 1.54 -6.75 -11.39
C HIS B 362 0.84 -7.96 -10.80
N ARG B 363 1.11 -9.14 -11.36
CA ARG B 363 0.51 -10.40 -10.87
C ARG B 363 1.63 -11.32 -10.36
N ASP B 364 2.83 -10.76 -10.18
CA ASP B 364 3.99 -11.53 -9.69
C ASP B 364 3.69 -11.96 -8.25
N LYS B 365 3.41 -13.26 -8.04
CA LYS B 365 3.04 -13.81 -6.72
C LYS B 365 4.16 -13.67 -5.69
N THR B 366 5.43 -13.64 -6.11
CA THR B 366 6.59 -13.45 -5.20
C THR B 366 6.62 -12.02 -4.64
N ILE B 367 5.96 -11.05 -5.28
CA ILE B 367 5.91 -9.65 -4.79
C ILE B 367 4.60 -9.37 -4.05
N TRP B 368 3.47 -9.76 -4.64
CA TRP B 368 2.13 -9.38 -4.08
C TRP B 368 1.48 -10.48 -3.24
N GLY B 369 1.91 -11.72 -3.36
CA GLY B 369 1.25 -12.82 -2.62
C GLY B 369 0.45 -13.69 -3.55
N ASP B 370 -0.32 -14.64 -3.01
CA ASP B 370 -1.06 -15.57 -3.90
C ASP B 370 -2.43 -15.01 -4.33
N ASP B 371 -2.92 -13.97 -3.65
CA ASP B 371 -4.26 -13.40 -3.96
C ASP B 371 -4.15 -12.24 -4.97
N VAL B 372 -3.33 -12.39 -6.01
CA VAL B 372 -3.07 -11.31 -7.02
C VAL B 372 -4.33 -10.90 -7.80
N GLU B 373 -5.34 -11.77 -7.94
CA GLU B 373 -6.55 -11.42 -8.71
C GLU B 373 -7.56 -10.67 -7.85
N GLU B 374 -7.35 -10.58 -6.54
CA GLU B 374 -8.34 -9.87 -5.69
C GLU B 374 -8.10 -8.36 -5.76
N PHE B 375 -9.18 -7.58 -5.68
CA PHE B 375 -9.10 -6.11 -5.71
C PHE B 375 -9.02 -5.60 -4.27
N ARG B 376 -7.81 -5.28 -3.83
CA ARG B 376 -7.63 -4.78 -2.45
C ARG B 376 -6.84 -3.48 -2.50
N PRO B 377 -7.48 -2.30 -2.39
CA PRO B 377 -6.78 -1.01 -2.37
C PRO B 377 -5.79 -0.81 -1.19
N GLU B 378 -5.95 -1.58 -0.10
CA GLU B 378 -5.10 -1.60 1.12
C GLU B 378 -3.67 -2.09 0.87
N ARG B 379 -3.35 -2.65 -0.32
CA ARG B 379 -1.97 -3.03 -0.72
C ARG B 379 -1.11 -1.77 -0.90
N PHE B 380 -1.72 -0.62 -1.21
CA PHE B 380 -1.05 0.68 -1.43
C PHE B 380 -1.24 1.62 -0.23
N GLU B 381 -1.57 1.08 0.95
CA GLU B 381 -1.81 1.95 2.14
C GLU B 381 -0.47 2.57 2.56
N ASN B 382 0.56 1.75 2.62
CA ASN B 382 1.94 2.11 3.02
C ASN B 382 2.80 2.05 1.74
N PRO B 383 2.87 3.13 0.93
CA PRO B 383 3.64 3.14 -0.34
C PRO B 383 5.09 2.65 -0.33
N SER B 384 5.80 2.76 0.79
CA SER B 384 7.21 2.32 0.93
C SER B 384 7.34 0.79 0.92
N ALA B 385 6.26 0.06 1.19
CA ALA B 385 6.31 -1.42 1.21
C ALA B 385 6.41 -1.97 -0.20
N ILE B 386 5.96 -1.22 -1.21
CA ILE B 386 6.04 -1.73 -2.60
C ILE B 386 7.49 -1.65 -3.07
N PRO B 387 8.13 -2.78 -3.44
CA PRO B 387 9.50 -2.78 -3.92
C PRO B 387 9.74 -1.99 -5.22
N GLN B 388 10.98 -1.57 -5.45
CA GLN B 388 11.32 -0.80 -6.67
C GLN B 388 11.06 -1.67 -7.90
N HIS B 389 10.43 -1.07 -8.92
CA HIS B 389 10.14 -1.68 -10.24
C HIS B 389 9.10 -2.82 -10.14
N ALA B 390 8.29 -2.86 -9.09
CA ALA B 390 7.25 -3.91 -8.98
C ALA B 390 5.91 -3.35 -9.48
N PHE B 391 5.78 -2.03 -9.53
CA PHE B 391 4.51 -1.39 -9.92
C PHE B 391 4.85 -0.33 -10.95
N LYS B 392 4.55 -0.60 -12.23
CA LYS B 392 5.02 0.26 -13.33
C LYS B 392 3.91 0.62 -14.32
N PRO B 393 2.74 1.08 -13.87
CA PRO B 393 1.69 1.44 -14.84
C PRO B 393 2.01 2.69 -15.63
N PHE B 394 3.01 3.49 -15.21
CA PHE B 394 3.42 4.70 -15.91
C PHE B 394 4.82 4.58 -16.52
N GLY B 395 5.30 3.38 -16.77
CA GLY B 395 6.57 3.22 -17.45
C GLY B 395 7.75 3.41 -16.52
N ASN B 396 8.90 3.74 -17.11
CA ASN B 396 10.15 3.67 -16.36
C ASN B 396 11.05 4.86 -16.63
N GLY B 397 11.61 5.42 -15.56
CA GLY B 397 12.77 6.30 -15.67
C GLY B 397 12.48 7.62 -16.37
N GLN B 398 13.48 8.09 -17.11
CA GLN B 398 13.31 9.37 -17.80
C GLN B 398 12.26 9.27 -18.92
N ARG B 399 11.96 8.07 -19.40
CA ARG B 399 10.90 7.86 -20.40
C ARG B 399 9.58 7.43 -19.75
N ALA B 400 9.40 7.67 -18.46
CA ALA B 400 8.12 7.39 -17.83
C ALA B 400 7.08 8.42 -18.25
N CYS B 401 5.83 8.11 -17.93
CA CYS B 401 4.71 8.96 -18.32
C CYS B 401 4.89 10.37 -17.77
N ILE B 402 5.05 11.35 -18.66
CA ILE B 402 5.13 12.73 -18.20
C ILE B 402 3.80 13.19 -17.62
N GLY B 403 2.68 12.59 -18.03
CA GLY B 403 1.38 13.03 -17.57
C GLY B 403 0.82 12.26 -16.40
N GLN B 404 1.69 11.59 -15.63
CA GLN B 404 1.21 10.77 -14.52
C GLN B 404 0.46 11.60 -13.49
N GLN B 405 1.02 12.75 -13.09
CA GLN B 405 0.33 13.58 -12.10
C GLN B 405 -0.97 14.13 -12.66
N PHE B 406 -0.97 14.49 -13.95
CA PHE B 406 -2.19 14.96 -14.61
C PHE B 406 -3.26 13.87 -14.60
N ALA B 407 -2.92 12.67 -15.04
CA ALA B 407 -3.90 11.58 -15.08
C ALA B 407 -4.45 11.27 -13.70
N LEU B 408 -3.59 11.16 -12.69
CA LEU B 408 -4.07 10.76 -11.37
C LEU B 408 -4.87 11.88 -10.71
N HIS B 409 -4.52 13.15 -10.97
CA HIS B 409 -5.31 14.24 -10.40
C HIS B 409 -6.69 14.28 -11.04
N GLU B 410 -6.74 14.16 -12.36
CA GLU B 410 -8.00 14.05 -13.09
C GLU B 410 -8.86 12.91 -12.55
N ALA B 411 -8.30 11.71 -12.48
CA ALA B 411 -9.10 10.54 -12.10
C ALA B 411 -9.49 10.57 -10.62
N THR B 412 -8.65 11.13 -9.76
CA THR B 412 -9.01 11.25 -8.35
C THR B 412 -10.15 12.25 -8.17
N LEU B 413 -10.04 13.41 -8.83
CA LEU B 413 -11.10 14.40 -8.77
C LEU B 413 -12.41 13.83 -9.28
N VAL B 414 -12.37 13.15 -10.44
CA VAL B 414 -13.60 12.71 -11.08
C VAL B 414 -14.22 11.54 -10.33
N LEU B 415 -13.41 10.54 -9.95
CA LEU B 415 -13.97 9.43 -9.17
C LEU B 415 -14.49 9.90 -7.82
N GLY B 416 -13.76 10.82 -7.18
CA GLY B 416 -14.25 11.42 -5.95
C GLY B 416 -15.63 12.04 -6.11
N MET B 417 -15.80 12.84 -7.17
CA MET B 417 -17.09 13.48 -7.39
C MET B 417 -18.18 12.47 -7.72
N MET B 418 -17.84 11.44 -8.50
CA MET B 418 -18.82 10.40 -8.81
C MET B 418 -19.32 9.72 -7.55
N LEU B 419 -18.41 9.39 -6.64
CA LEU B 419 -18.79 8.71 -5.41
C LEU B 419 -19.52 9.64 -4.46
N LYS B 420 -19.22 10.94 -4.50
CA LYS B 420 -19.95 11.90 -3.68
C LYS B 420 -21.41 11.98 -4.11
N HIS B 421 -21.66 12.05 -5.42
CA HIS B 421 -22.96 12.47 -5.90
C HIS B 421 -23.91 11.32 -6.25
N PHE B 422 -23.43 10.09 -6.36
CA PHE B 422 -24.30 8.99 -6.80
C PHE B 422 -24.02 7.70 -6.04
N ASP B 423 -25.07 6.91 -5.89
CA ASP B 423 -24.97 5.47 -5.64
C ASP B 423 -25.01 4.74 -6.97
N PHE B 424 -24.23 3.68 -7.10
CA PHE B 424 -24.10 2.96 -8.37
C PHE B 424 -24.67 1.56 -8.27
N GLU B 425 -25.30 1.11 -9.36
CA GLU B 425 -25.88 -0.22 -9.44
C GLU B 425 -25.34 -0.93 -10.68
N ASP B 426 -24.81 -2.14 -10.47
CA ASP B 426 -24.40 -3.06 -11.53
C ASP B 426 -25.63 -3.81 -12.01
N HIS B 427 -26.52 -3.07 -12.70
CA HIS B 427 -27.86 -3.57 -12.96
C HIS B 427 -27.90 -4.72 -13.94
N THR B 428 -26.84 -4.94 -14.71
CA THR B 428 -26.79 -6.06 -15.64
C THR B 428 -25.91 -7.21 -15.16
N ASN B 429 -25.32 -7.09 -13.97
CA ASN B 429 -24.31 -8.04 -13.52
C ASN B 429 -23.24 -8.22 -14.59
N TYR B 430 -22.67 -7.08 -14.99
CA TYR B 430 -21.78 -7.02 -16.15
C TYR B 430 -20.62 -8.01 -16.05
N GLU B 431 -20.42 -8.74 -17.14
CA GLU B 431 -19.28 -9.64 -17.25
C GLU B 431 -18.13 -8.88 -17.93
N LEU B 432 -17.00 -8.79 -17.23
CA LEU B 432 -15.88 -8.00 -17.74
C LEU B 432 -15.44 -8.49 -19.11
N ASP B 433 -15.36 -7.55 -20.06
CA ASP B 433 -14.96 -7.82 -21.44
C ASP B 433 -14.02 -6.69 -21.82
N ILE B 434 -12.74 -7.00 -21.99
CA ILE B 434 -11.71 -5.97 -22.12
C ILE B 434 -11.36 -5.81 -23.60
N LYS B 435 -11.75 -4.66 -24.14
CA LYS B 435 -11.40 -4.31 -25.51
C LYS B 435 -9.97 -3.78 -25.54
N GLU B 436 -9.24 -4.13 -26.58
CA GLU B 436 -7.86 -3.69 -26.77
C GLU B 436 -7.76 -2.87 -28.04
N THR B 437 -7.34 -1.62 -27.91
CA THR B 437 -6.80 -0.90 -29.04
C THR B 437 -5.28 -0.99 -28.92
N LEU B 438 -4.60 0.14 -28.81
CA LEU B 438 -3.28 0.09 -28.19
C LEU B 438 -3.38 0.15 -26.68
N LYS B 439 -4.58 0.45 -26.20
CA LYS B 439 -4.89 0.57 -24.74
C LYS B 439 -5.98 -0.43 -24.34
N LEU B 440 -6.29 -0.48 -23.05
CA LEU B 440 -7.26 -1.41 -22.49
C LEU B 440 -8.48 -0.66 -21.95
N LYS B 441 -9.67 -1.20 -22.19
CA LYS B 441 -10.90 -0.63 -21.68
C LYS B 441 -11.90 -1.76 -21.44
N PRO B 442 -12.83 -1.59 -20.49
CA PRO B 442 -13.89 -2.59 -20.28
C PRO B 442 -15.10 -2.39 -21.19
N GLU B 443 -15.15 -3.07 -22.32
CA GLU B 443 -16.16 -2.78 -23.33
C GLU B 443 -17.55 -3.15 -22.83
N GLY B 444 -18.51 -2.27 -23.10
CA GLY B 444 -19.91 -2.51 -22.77
C GLY B 444 -20.26 -2.37 -21.30
N PHE B 445 -19.37 -1.81 -20.49
CA PHE B 445 -19.64 -1.65 -19.06
C PHE B 445 -20.70 -0.57 -18.88
N VAL B 446 -21.81 -0.93 -18.22
CA VAL B 446 -22.92 -0.03 -17.98
C VAL B 446 -23.32 -0.13 -16.51
N VAL B 447 -23.80 0.99 -15.96
CA VAL B 447 -24.31 1.06 -14.60
C VAL B 447 -25.49 2.02 -14.58
N LYS B 448 -26.29 1.91 -13.53
CA LYS B 448 -27.27 2.94 -13.18
C LYS B 448 -26.73 3.76 -12.03
N ALA B 449 -26.97 5.07 -12.08
CA ALA B 449 -26.54 5.98 -11.01
C ALA B 449 -27.76 6.67 -10.43
N LYS B 450 -28.03 6.39 -9.17
CA LYS B 450 -29.10 7.07 -8.44
C LYS B 450 -28.50 8.26 -7.70
N SER B 451 -29.01 9.45 -7.98
CA SER B 451 -28.47 10.66 -7.39
C SER B 451 -28.65 10.67 -5.88
N LYS B 452 -27.62 11.18 -5.18
CA LYS B 452 -27.73 11.48 -3.76
C LYS B 452 -28.28 12.87 -3.51
N LYS B 453 -28.58 13.63 -4.56
CA LYS B 453 -29.24 14.93 -4.48
C LYS B 453 -28.44 15.93 -3.65
N ILE B 454 -27.15 16.02 -3.95
CA ILE B 454 -26.24 16.92 -3.24
C ILE B 454 -25.93 18.09 -4.16
N PRO B 455 -26.10 19.33 -3.70
CA PRO B 455 -25.98 20.50 -4.61
C PRO B 455 -24.60 20.60 -5.26
N LEU B 456 -24.58 21.18 -6.46
CA LEU B 456 -23.40 21.19 -7.32
C LEU B 456 -23.10 22.60 -7.81
N GLY B 457 -23.95 23.12 -8.69
CA GLY B 457 -23.79 24.48 -9.17
C GLY B 457 -23.44 24.55 -10.65
CHA HEM C . 4.74 -0.05 16.18
CHB HEM C . 1.48 -3.12 18.09
CHC HEM C . 4.40 -6.86 17.16
CHD HEM C . 7.89 -3.76 15.81
C1A HEM C . 3.58 -0.55 16.74
C2A HEM C . 2.36 0.18 17.02
C3A HEM C . 1.47 -0.67 17.56
C4A HEM C . 2.09 -1.97 17.61
CMA HEM C . 0.04 -0.35 18.02
CAA HEM C . 2.13 1.69 16.80
CBA HEM C . 2.72 2.39 18.02
CGA HEM C . 2.47 3.87 18.00
O1A HEM C . 3.03 4.57 18.88
O2A HEM C . 1.73 4.36 17.09
C1B HEM C . 1.97 -4.39 17.97
C2B HEM C . 1.24 -5.61 18.28
C3B HEM C . 2.07 -6.65 18.02
C4B HEM C . 3.32 -6.11 17.53
CMB HEM C . -0.20 -5.62 18.81
CAB HEM C . 1.84 -8.18 18.16
CBB HEM C . 0.63 -8.74 18.29
C1C HEM C . 5.61 -6.37 16.69
C2C HEM C . 6.74 -7.16 16.28
C3C HEM C . 7.72 -6.33 15.91
C4C HEM C . 7.22 -4.96 16.07
CMC HEM C . 6.82 -8.69 16.28
CAC HEM C . 9.09 -6.86 15.41
CBC HEM C . 10.17 -6.09 15.38
C1D HEM C . 7.34 -2.48 15.76
C2D HEM C . 8.02 -1.26 15.38
C3D HEM C . 7.15 -0.24 15.48
C4D HEM C . 5.89 -0.77 15.94
CMD HEM C . 9.50 -1.15 14.93
CAD HEM C . 7.42 1.25 15.14
CBD HEM C . 7.18 1.39 13.64
CGD HEM C . 7.36 2.81 13.12
O1D HEM C . 6.82 3.76 13.73
O2D HEM C . 8.04 2.97 12.07
NA HEM C . 3.37 -1.87 17.11
NB HEM C . 3.22 -4.74 17.52
NC HEM C . 5.94 -5.04 16.56
ND HEM C . 6.05 -2.14 16.10
FE HEM C . 4.59 -3.49 16.71
CHA HEM D . 4.32 7.78 -21.61
CHB HEM D . 0.96 5.25 -19.24
CHC HEM D . -1.84 9.23 -18.93
CHD HEM D . 1.33 11.60 -21.70
C1A HEM D . 3.66 6.75 -20.98
C2A HEM D . 4.15 5.39 -20.77
C3A HEM D . 3.21 4.70 -20.11
C4A HEM D . 2.11 5.60 -19.88
CMA HEM D . 3.26 3.23 -19.66
CAA HEM D . 5.51 4.83 -21.24
CBA HEM D . 5.36 4.37 -22.68
CGA HEM D . 6.63 3.71 -23.16
O1A HEM D . 6.69 3.37 -24.37
O2A HEM D . 7.58 3.51 -22.36
C1B HEM D . -0.06 6.11 -18.93
C2B HEM D . -1.20 5.77 -18.13
C3B HEM D . -1.98 6.82 -18.05
C4B HEM D . -1.37 7.94 -18.77
CMB HEM D . -1.49 4.38 -17.51
CAB HEM D . -3.28 6.74 -17.25
CBB HEM D . -4.17 7.69 -17.40
C1C HEM D . -1.24 10.25 -19.63
C2C HEM D . -1.69 11.64 -19.75
C3C HEM D . -0.81 12.30 -20.52
C4C HEM D . 0.23 11.36 -20.90
CMC HEM D . -2.95 12.23 -19.12
CAC HEM D . -0.98 13.81 -20.86
CBC HEM D . -0.05 14.50 -21.53
C1D HEM D . 2.42 10.79 -21.91
C2D HEM D . 3.62 11.13 -22.67
C3D HEM D . 4.44 10.07 -22.65
C4D HEM D . 3.80 9.02 -21.86
CMD HEM D . 3.89 12.47 -23.39
CAD HEM D . 5.84 9.99 -23.30
CBD HEM D . 6.83 10.56 -22.27
CGD HEM D . 8.25 10.62 -22.76
O1D HEM D . 8.78 9.60 -23.26
O2D HEM D . 8.88 11.70 -22.63
NA HEM D . 2.40 6.83 -20.41
NB HEM D . -0.19 7.44 -19.31
NC HEM D . -0.07 10.13 -20.34
ND HEM D . 2.58 9.49 -21.44
FE HEM D . 1.19 8.49 -20.30
OAB H5J E . -0.25 5.07 -23.20
NAL H5J E . 0.55 6.22 -23.37
OAA H5J E . 0.45 7.39 -22.41
CAI H5J E . 1.15 6.38 -24.56
CAF H5J E . 0.80 5.46 -25.52
CAJ H5J E . 1.29 5.54 -26.75
CAE H5J E . 1.09 4.76 -27.80
NAG H5J E . 1.80 5.23 -28.80
OAH H5J E . 2.44 6.35 -28.37
CAK H5J E . 2.13 6.53 -27.09
CAD H5J E . 2.49 7.47 -26.22
CAC H5J E . 1.99 7.43 -24.91
#